data_7QNO
#
_entry.id   7QNO
#
_cell.length_a   186.134
_cell.length_b   186.134
_cell.length_c   102.442
_cell.angle_alpha   90.00
_cell.angle_beta   90.00
_cell.angle_gamma   120.00
#
_symmetry.space_group_name_H-M   'P 32 2 1'
#
loop_
_entity.id
_entity.type
_entity.pdbx_description
1 polymer 'Histone deacetylase 6'
2 non-polymer PROLINE
3 non-polymer 'POTASSIUM ION'
4 non-polymer 'ZINC ION'
5 non-polymer GLYCEROL
6 water water
#
_entity_poly.entity_id   1
_entity_poly.type   'polypeptide(L)'
_entity_poly.pdbx_seq_one_letter_code
;MDSAWSHPQFEKGGGSGGGSGGSAWSHPQFEKSAVDLEVLFQGPGKAEEEMSNELQNLDVQGKSKATGTGLVYVDAFTRF
HCLWDASHPECPARVSTVMEMLETEGLLGRCVQVEARAVTEDELLLVHTKEYVELMKSTQNMTEEELKTLAEKYDSVYLH
PGFFSSACLSVGSVLQLVDKVMTSQLRNGFSINRPPGHHAQADKMNGFCMFNNLAIAARYAQKRHRVQRVLIVDWDVHHG
QGIQYIFEEDPSVLYFSVHRYEDGSFWPHLKESDSSSVGSGAGQGYNINLPWNKVGMESGDYITAFQQLLLPVAYEFQPQ
LVLVAAGFDAVIGDPKGGMQVSPECFSILTHMLKGVAQGRLVLALEGGYNLQSTAEGVCASMRSLLGDPCPHLPSSGAPC
ESALKSISKTISDLYPFWKSLQTFEGGPLSEVSPLPAPVCAEVKVSSPITGLVYDQRMMLHHNMWDSHHPELPQRISRIF
SRHEELRLLSRCHRIPARLATEEELALCHSSKHISIIKSSEHMKPRDLNRLGDEYNSIFISNESYTCALLAAGSCFNSAQ
AILTGQVRNAVAIVRPPGHHAEKDTACGFCFFNTAALTARYAQSITRESLRVLIVDWDVHHGNGTQHIFEEDDSVLYISL
HRYEDGAFFPNSEDANYDKVGLGKGRGYNVNIPWNGGKMGDPEYMAAFHHLVMPIAREFAPELVLVSAGFDAARGDPLGG
FQVTPEGYAHLTHQLMSLAAGRVLIILEGGYNLTSISESMSMCTSMLLGDSPPSLDHLTPLKTSATVSINNVLRAHAPFW
SSLRVNIPESLRLSLPSPKPKGKCTPGGKGKKSPRQS
;
_entity_poly.pdbx_strand_id   A
#
loop_
_chem_comp.id
_chem_comp.type
_chem_comp.name
_chem_comp.formula
GOL non-polymer GLYCEROL 'C3 H8 O3'
K non-polymer 'POTASSIUM ION' 'K 1'
ZN non-polymer 'ZINC ION' 'Zn 2'
#
# COMPACT_ATOMS: atom_id res chain seq x y z
N GLN A 61 -4.40 -12.97 -22.81
CA GLN A 61 -4.73 -11.93 -21.85
C GLN A 61 -5.09 -10.63 -22.59
N GLY A 62 -5.33 -9.56 -21.85
CA GLY A 62 -5.67 -8.29 -22.46
C GLY A 62 -7.15 -8.00 -22.49
N LYS A 63 -7.79 -8.26 -23.63
CA LYS A 63 -9.23 -8.03 -23.77
C LYS A 63 -10.03 -8.79 -22.72
N SER A 64 -9.54 -9.96 -22.30
CA SER A 64 -10.22 -10.81 -21.35
C SER A 64 -9.91 -10.46 -19.89
N LYS A 65 -9.11 -9.42 -19.66
CA LYS A 65 -8.67 -9.09 -18.32
C LYS A 65 -9.84 -8.53 -17.49
N ALA A 66 -9.88 -8.91 -16.22
CA ALA A 66 -10.89 -8.44 -15.28
C ALA A 66 -10.51 -7.05 -14.80
N THR A 67 -11.25 -6.03 -15.26
CA THR A 67 -10.90 -4.66 -14.98
C THR A 67 -12.01 -3.85 -14.30
N GLY A 68 -13.26 -4.25 -14.43
CA GLY A 68 -14.36 -3.43 -13.97
C GLY A 68 -14.58 -3.49 -12.47
N THR A 69 -15.32 -2.48 -11.99
CA THR A 69 -15.72 -2.37 -10.59
C THR A 69 -17.24 -2.50 -10.51
N GLY A 70 -17.71 -3.49 -9.77
CA GLY A 70 -19.14 -3.73 -9.66
C GLY A 70 -19.77 -2.90 -8.55
N LEU A 71 -20.96 -2.38 -8.82
CA LEU A 71 -21.75 -1.64 -7.84
C LEU A 71 -23.15 -2.24 -7.82
N VAL A 72 -23.61 -2.64 -6.65
CA VAL A 72 -24.99 -3.09 -6.46
C VAL A 72 -25.73 -2.04 -5.66
N TYR A 73 -26.84 -1.56 -6.20
CA TYR A 73 -27.80 -0.75 -5.45
C TYR A 73 -29.19 -1.06 -5.97
N VAL A 74 -30.14 -1.26 -5.06
CA VAL A 74 -31.53 -1.46 -5.42
C VAL A 74 -32.41 -0.58 -4.54
N ASP A 75 -33.45 -0.01 -5.16
CA ASP A 75 -34.37 0.86 -4.44
C ASP A 75 -34.91 0.17 -3.18
N ALA A 76 -34.95 -1.16 -3.18
CA ALA A 76 -35.43 -1.90 -2.01
C ALA A 76 -34.71 -1.48 -0.73
N PHE A 77 -33.47 -1.02 -0.84
CA PHE A 77 -32.69 -0.65 0.33
C PHE A 77 -33.25 0.57 1.05
N THR A 78 -34.20 1.29 0.46
CA THR A 78 -34.83 2.43 1.11
C THR A 78 -36.22 2.12 1.65
N ARG A 79 -36.74 0.90 1.43
CA ARG A 79 -38.15 0.62 1.70
C ARG A 79 -38.45 0.37 3.17
N PHE A 80 -37.43 0.32 4.04
CA PHE A 80 -37.65 0.06 5.46
C PHE A 80 -36.97 1.12 6.29
N HIS A 81 -37.60 1.45 7.42
CA HIS A 81 -37.15 2.54 8.29
C HIS A 81 -37.73 2.29 9.67
N CYS A 82 -37.25 3.08 10.64
CA CYS A 82 -37.73 2.92 12.01
C CYS A 82 -39.11 3.56 12.15
N LEU A 83 -40.08 2.78 12.64
CA LEU A 83 -41.45 3.25 12.73
C LEU A 83 -41.70 4.08 13.98
N TRP A 84 -40.98 3.82 15.06
CA TRP A 84 -41.21 4.52 16.32
C TRP A 84 -40.19 5.62 16.59
N ASP A 85 -39.20 5.81 15.73
CA ASP A 85 -38.24 6.90 15.93
C ASP A 85 -37.84 7.43 14.54
N ALA A 86 -38.42 8.56 14.15
CA ALA A 86 -38.10 9.19 12.89
C ALA A 86 -36.71 9.79 12.85
N SER A 87 -35.99 9.80 13.97
CA SER A 87 -34.64 10.34 14.03
C SER A 87 -33.57 9.26 14.06
N HIS A 88 -33.95 8.01 13.87
CA HIS A 88 -33.02 6.89 14.03
C HIS A 88 -31.88 7.00 13.02
N PRO A 89 -30.64 6.74 13.43
CA PRO A 89 -29.51 6.97 12.51
C PRO A 89 -29.43 5.99 11.35
N GLU A 90 -29.95 4.78 11.49
CA GLU A 90 -29.94 3.81 10.39
C GLU A 90 -31.24 4.01 9.60
N CYS A 91 -31.15 4.75 8.52
CA CYS A 91 -32.32 5.23 7.81
C CYS A 91 -32.10 5.17 6.31
N PRO A 92 -33.18 5.26 5.52
CA PRO A 92 -33.01 5.21 4.06
C PRO A 92 -32.06 6.25 3.50
N ALA A 93 -32.04 7.45 4.07
CA ALA A 93 -31.24 8.53 3.49
C ALA A 93 -29.77 8.17 3.41
N ARG A 94 -29.31 7.19 4.19
CA ARG A 94 -27.90 6.80 4.13
C ARG A 94 -27.50 6.40 2.73
N VAL A 95 -28.17 5.39 2.16
CA VAL A 95 -27.73 4.85 0.87
C VAL A 95 -28.10 5.80 -0.26
N SER A 96 -29.25 6.48 -0.16
CA SER A 96 -29.61 7.38 -1.25
C SER A 96 -28.69 8.60 -1.32
N THR A 97 -28.14 9.04 -0.19
CA THR A 97 -27.14 10.11 -0.24
C THR A 97 -25.83 9.60 -0.83
N VAL A 98 -25.48 8.36 -0.51
CA VAL A 98 -24.29 7.75 -1.11
C VAL A 98 -24.45 7.69 -2.62
N MET A 99 -25.62 7.27 -3.09
CA MET A 99 -25.85 7.17 -4.52
C MET A 99 -25.87 8.56 -5.16
N GLU A 100 -26.52 9.53 -4.52
CA GLU A 100 -26.55 10.88 -5.07
C GLU A 100 -25.14 11.42 -5.25
N MET A 101 -24.26 11.21 -4.28
CA MET A 101 -22.91 11.75 -4.40
C MET A 101 -22.11 10.99 -5.45
N LEU A 102 -22.24 9.66 -5.48
CA LEU A 102 -21.53 8.89 -6.50
C LEU A 102 -21.84 9.41 -7.90
N GLU A 103 -23.07 9.83 -8.14
CA GLU A 103 -23.41 10.39 -9.44
C GLU A 103 -22.84 11.80 -9.59
N THR A 104 -23.02 12.64 -8.57
CA THR A 104 -22.47 13.99 -8.59
C THR A 104 -20.98 14.00 -8.86
N GLU A 105 -20.27 13.01 -8.34
CA GLU A 105 -18.83 12.91 -8.55
C GLU A 105 -18.47 12.21 -9.85
N GLY A 106 -19.44 11.67 -10.57
CA GLY A 106 -19.15 10.95 -11.80
C GLY A 106 -18.60 9.56 -11.60
N LEU A 107 -18.75 8.99 -10.41
CA LEU A 107 -18.26 7.65 -10.12
C LEU A 107 -19.29 6.57 -10.42
N LEU A 108 -20.58 6.91 -10.32
CA LEU A 108 -21.62 5.92 -10.55
C LEU A 108 -21.57 5.37 -11.96
N GLY A 109 -21.45 6.24 -12.96
CA GLY A 109 -21.37 5.80 -14.33
C GLY A 109 -20.12 5.03 -14.68
N ARG A 110 -19.11 5.05 -13.83
CA ARG A 110 -17.88 4.31 -14.05
C ARG A 110 -17.92 2.90 -13.50
N CYS A 111 -18.96 2.55 -12.75
CA CYS A 111 -19.11 1.22 -12.18
C CYS A 111 -20.01 0.35 -13.06
N VAL A 112 -19.71 -0.94 -13.08
CA VAL A 112 -20.54 -1.92 -13.76
C VAL A 112 -21.75 -2.19 -12.87
N GLN A 113 -22.95 -2.00 -13.43
CA GLN A 113 -24.16 -2.24 -12.65
C GLN A 113 -24.34 -3.75 -12.47
N VAL A 114 -24.40 -4.19 -11.21
CA VAL A 114 -24.61 -5.59 -10.86
C VAL A 114 -25.94 -5.69 -10.13
N GLU A 115 -26.77 -6.64 -10.54
CA GLU A 115 -28.10 -6.78 -9.96
C GLU A 115 -28.03 -7.45 -8.59
N ALA A 116 -28.94 -7.05 -7.72
CA ALA A 116 -29.11 -7.72 -6.44
C ALA A 116 -29.96 -8.98 -6.61
N ARG A 117 -29.81 -9.91 -5.67
CA ARG A 117 -30.65 -11.09 -5.62
C ARG A 117 -31.01 -11.38 -4.17
N ALA A 118 -32.11 -12.09 -3.99
CA ALA A 118 -32.51 -12.52 -2.66
C ALA A 118 -31.62 -13.69 -2.23
N VAL A 119 -31.08 -13.59 -1.02
CA VAL A 119 -30.34 -14.71 -0.45
C VAL A 119 -31.31 -15.85 -0.19
N THR A 120 -30.84 -17.09 -0.38
CA THR A 120 -31.67 -18.27 -0.17
C THR A 120 -31.53 -18.79 1.25
N GLU A 121 -32.44 -19.67 1.63
CA GLU A 121 -32.40 -20.27 2.97
C GLU A 121 -31.07 -20.98 3.19
N ASP A 122 -30.65 -21.82 2.24
CA ASP A 122 -29.42 -22.58 2.43
C ASP A 122 -28.20 -21.67 2.48
N GLU A 123 -28.27 -20.49 1.85
CA GLU A 123 -27.19 -19.53 1.98
C GLU A 123 -27.19 -18.89 3.37
N LEU A 124 -28.37 -18.50 3.87
CA LEU A 124 -28.45 -17.98 5.22
C LEU A 124 -27.91 -18.99 6.23
N LEU A 125 -28.26 -20.27 6.06
CA LEU A 125 -27.90 -21.31 7.02
C LEU A 125 -26.41 -21.62 7.03
N LEU A 126 -25.63 -21.03 6.14
CA LEU A 126 -24.18 -21.08 6.28
C LEU A 126 -23.71 -20.43 7.58
N VAL A 127 -24.57 -19.62 8.20
CA VAL A 127 -24.17 -18.78 9.33
C VAL A 127 -25.25 -18.80 10.41
N HIS A 128 -26.51 -18.80 10.00
CA HIS A 128 -27.63 -18.64 10.91
C HIS A 128 -28.35 -19.96 11.14
N THR A 129 -29.28 -19.95 12.10
CA THR A 129 -30.04 -21.12 12.47
C THR A 129 -31.44 -21.06 11.86
N LYS A 130 -31.96 -22.23 11.48
CA LYS A 130 -33.28 -22.31 10.85
C LYS A 130 -34.35 -21.70 11.75
N GLU A 131 -34.23 -21.90 13.06
CA GLU A 131 -35.19 -21.31 13.99
C GLU A 131 -35.19 -19.79 13.88
N TYR A 132 -34.00 -19.19 13.82
CA TYR A 132 -33.88 -17.73 13.73
C TYR A 132 -34.35 -17.22 12.38
N VAL A 133 -33.92 -17.87 11.30
CA VAL A 133 -34.32 -17.46 9.96
C VAL A 133 -35.85 -17.41 9.85
N GLU A 134 -36.51 -18.45 10.36
CA GLU A 134 -37.97 -18.52 10.25
C GLU A 134 -38.63 -17.43 11.10
N LEU A 135 -38.07 -17.16 12.28
CA LEU A 135 -38.58 -16.05 13.08
C LEU A 135 -38.46 -14.73 12.30
N MET A 136 -37.28 -14.47 11.74
CA MET A 136 -37.09 -13.26 10.95
C MET A 136 -38.02 -13.22 9.75
N LYS A 137 -38.19 -14.37 9.07
CA LYS A 137 -39.12 -14.43 7.96
C LYS A 137 -40.54 -14.05 8.41
N SER A 138 -40.93 -14.47 9.61
CA SER A 138 -42.29 -14.24 10.08
C SER A 138 -42.59 -12.77 10.33
N THR A 139 -41.55 -11.92 10.45
CA THR A 139 -41.79 -10.50 10.71
C THR A 139 -42.59 -9.84 9.59
N GLN A 140 -42.58 -10.42 8.39
CA GLN A 140 -43.32 -9.83 7.28
C GLN A 140 -44.76 -9.54 7.64
N ASN A 141 -45.35 -10.37 8.50
CA ASN A 141 -46.79 -10.38 8.74
C ASN A 141 -47.18 -9.80 10.10
N MET A 142 -46.24 -9.20 10.81
CA MET A 142 -46.49 -8.70 12.15
C MET A 142 -47.03 -7.28 12.13
N THR A 143 -47.77 -6.94 13.18
CA THR A 143 -48.18 -5.56 13.43
C THR A 143 -46.99 -4.76 13.96
N GLU A 144 -47.14 -3.43 13.96
CA GLU A 144 -46.10 -2.58 14.51
C GLU A 144 -45.84 -2.92 15.98
N GLU A 145 -46.90 -3.22 16.73
CA GLU A 145 -46.73 -3.58 18.14
C GLU A 145 -45.96 -4.88 18.28
N GLU A 146 -46.30 -5.89 17.47
CA GLU A 146 -45.54 -7.14 17.48
C GLU A 146 -44.09 -6.90 17.12
N LEU A 147 -43.84 -6.10 16.08
CA LEU A 147 -42.47 -5.83 15.65
C LEU A 147 -41.67 -5.16 16.76
N LYS A 148 -42.25 -4.14 17.39
CA LYS A 148 -41.58 -3.49 18.50
C LYS A 148 -41.32 -4.46 19.64
N THR A 149 -42.32 -5.29 19.97
CA THR A 149 -42.17 -6.26 21.05
C THR A 149 -41.03 -7.23 20.77
N LEU A 150 -40.88 -7.65 19.51
CA LEU A 150 -39.78 -8.53 19.15
C LEU A 150 -38.44 -7.80 19.15
N ALA A 151 -38.43 -6.57 18.63
CA ALA A 151 -37.19 -5.80 18.58
C ALA A 151 -36.62 -5.52 19.96
N GLU A 152 -37.49 -5.34 20.96
CA GLU A 152 -37.02 -5.09 22.31
C GLU A 152 -36.11 -6.19 22.81
N LYS A 153 -36.30 -7.43 22.32
CA LYS A 153 -35.52 -8.56 22.79
C LYS A 153 -34.06 -8.51 22.37
N TYR A 154 -33.67 -7.55 21.54
CA TYR A 154 -32.34 -7.48 20.98
C TYR A 154 -31.68 -6.15 21.30
N ASP A 155 -30.35 -6.16 21.36
CA ASP A 155 -29.59 -4.96 21.71
C ASP A 155 -29.48 -4.05 20.49
N SER A 156 -30.11 -2.87 20.59
CA SER A 156 -29.99 -1.81 19.58
C SER A 156 -30.46 -2.30 18.20
N VAL A 157 -31.78 -2.45 18.10
CA VAL A 157 -32.41 -3.01 16.91
C VAL A 157 -33.80 -2.41 16.75
N TYR A 158 -34.22 -2.22 15.51
CA TYR A 158 -35.61 -1.94 15.19
C TYR A 158 -36.04 -2.86 14.04
N LEU A 159 -37.36 -2.94 13.84
CA LEU A 159 -37.93 -3.83 12.83
C LEU A 159 -39.03 -3.10 12.07
N HIS A 160 -39.36 -3.64 10.89
CA HIS A 160 -40.24 -3.01 9.90
C HIS A 160 -40.66 -4.10 8.94
N PRO A 161 -41.91 -4.13 8.47
CA PRO A 161 -42.36 -5.28 7.65
C PRO A 161 -41.50 -5.51 6.41
N GLY A 162 -40.86 -4.47 5.88
CA GLY A 162 -39.96 -4.61 4.77
C GLY A 162 -38.53 -4.91 5.14
N PHE A 163 -38.23 -5.00 6.44
CA PHE A 163 -36.86 -5.20 6.89
C PHE A 163 -36.30 -6.53 6.37
N PHE A 164 -37.09 -7.60 6.48
CA PHE A 164 -36.62 -8.92 6.07
C PHE A 164 -36.37 -8.98 4.57
N SER A 165 -37.28 -8.43 3.77
CA SER A 165 -37.07 -8.39 2.33
C SER A 165 -35.76 -7.70 1.98
N SER A 166 -35.55 -6.50 2.50
CA SER A 166 -34.33 -5.76 2.20
C SER A 166 -33.10 -6.46 2.76
N ALA A 167 -33.22 -7.10 3.93
CA ALA A 167 -32.09 -7.83 4.48
C ALA A 167 -31.65 -8.95 3.55
N CYS A 168 -32.61 -9.66 2.96
CA CYS A 168 -32.27 -10.73 2.02
C CYS A 168 -31.56 -10.18 0.80
N LEU A 169 -32.00 -9.02 0.29
CA LEU A 169 -31.32 -8.40 -0.83
C LEU A 169 -29.98 -7.81 -0.42
N SER A 170 -29.86 -7.39 0.83
CA SER A 170 -28.59 -6.87 1.32
C SER A 170 -27.53 -7.96 1.32
N VAL A 171 -27.86 -9.15 1.84
CA VAL A 171 -26.92 -10.27 1.78
C VAL A 171 -26.63 -10.64 0.34
N GLY A 172 -27.69 -10.84 -0.45
CA GLY A 172 -27.51 -11.33 -1.81
C GLY A 172 -26.69 -10.41 -2.69
N SER A 173 -26.72 -9.11 -2.40
CA SER A 173 -25.92 -8.17 -3.19
C SER A 173 -24.43 -8.49 -3.05
N VAL A 174 -23.99 -8.85 -1.85
CA VAL A 174 -22.58 -9.21 -1.65
C VAL A 174 -22.25 -10.48 -2.40
N LEU A 175 -23.14 -11.48 -2.33
CA LEU A 175 -22.90 -12.73 -3.04
C LEU A 175 -22.74 -12.51 -4.53
N GLN A 176 -23.54 -11.59 -5.08
CA GLN A 176 -23.44 -11.29 -6.51
C GLN A 176 -22.07 -10.75 -6.86
N LEU A 177 -21.54 -9.84 -6.05
CA LEU A 177 -20.21 -9.31 -6.31
C LEU A 177 -19.14 -10.37 -6.11
N VAL A 178 -19.32 -11.25 -5.12
CA VAL A 178 -18.38 -12.34 -4.93
C VAL A 178 -18.39 -13.26 -6.16
N ASP A 179 -19.59 -13.55 -6.69
CA ASP A 179 -19.68 -14.29 -7.93
C ASP A 179 -18.87 -13.60 -9.03
N LYS A 180 -19.14 -12.31 -9.26
CA LYS A 180 -18.51 -11.60 -10.36
C LYS A 180 -17.01 -11.50 -10.20
N VAL A 181 -16.52 -11.44 -8.96
CA VAL A 181 -15.10 -11.27 -8.73
C VAL A 181 -14.36 -12.61 -8.78
N MET A 182 -14.95 -13.66 -8.21
CA MET A 182 -14.28 -14.95 -8.22
C MET A 182 -14.36 -15.63 -9.58
N THR A 183 -15.41 -15.36 -10.36
CA THR A 183 -15.45 -15.80 -11.76
C THR A 183 -14.70 -14.85 -12.69
N SER A 184 -13.93 -13.91 -12.13
CA SER A 184 -13.06 -13.02 -12.89
C SER A 184 -13.80 -12.27 -13.99
N GLN A 185 -15.07 -11.94 -13.75
CA GLN A 185 -15.75 -11.01 -14.63
C GLN A 185 -15.41 -9.56 -14.26
N LEU A 186 -15.20 -9.29 -12.98
CA LEU A 186 -14.89 -7.97 -12.48
C LEU A 186 -13.64 -8.05 -11.60
N ARG A 187 -12.97 -6.90 -11.45
CA ARG A 187 -11.80 -6.83 -10.60
C ARG A 187 -12.18 -6.77 -9.13
N ASN A 188 -13.21 -5.98 -8.80
CA ASN A 188 -13.60 -5.71 -7.42
C ASN A 188 -15.03 -5.18 -7.45
N GLY A 189 -15.58 -4.90 -6.28
CA GLY A 189 -16.93 -4.36 -6.22
C GLY A 189 -17.27 -3.80 -4.87
N PHE A 190 -18.41 -3.10 -4.81
CA PHE A 190 -18.87 -2.39 -3.62
C PHE A 190 -20.39 -2.42 -3.65
N SER A 191 -21.00 -3.06 -2.66
CA SER A 191 -22.46 -3.04 -2.51
C SER A 191 -22.85 -1.86 -1.63
N ILE A 192 -23.77 -1.02 -2.12
CA ILE A 192 -24.29 0.13 -1.39
C ILE A 192 -25.55 -0.33 -0.67
N ASN A 193 -25.39 -1.24 0.30
CA ASN A 193 -26.51 -2.00 0.85
C ASN A 193 -26.82 -1.61 2.29
N ARG A 194 -28.11 -1.66 2.62
CA ARG A 194 -28.60 -1.69 3.99
C ARG A 194 -29.79 -2.64 4.04
N PRO A 195 -30.04 -3.29 5.17
CA PRO A 195 -29.37 -3.13 6.48
C PRO A 195 -27.93 -3.63 6.53
N PRO A 196 -27.18 -3.17 7.54
CA PRO A 196 -25.80 -3.67 7.71
C PRO A 196 -25.77 -5.10 8.22
N GLY A 197 -24.58 -5.62 8.52
CA GLY A 197 -24.47 -7.02 8.86
C GLY A 197 -23.52 -7.42 9.98
N HIS A 198 -22.43 -6.70 10.19
CA HIS A 198 -21.33 -7.29 10.93
C HIS A 198 -21.65 -7.55 12.41
N HIS A 199 -22.74 -7.00 12.95
CA HIS A 199 -23.10 -7.32 14.33
C HIS A 199 -23.99 -8.55 14.45
N ALA A 200 -24.67 -8.94 13.37
CA ALA A 200 -25.64 -10.02 13.46
C ALA A 200 -24.97 -11.34 13.80
N GLN A 201 -25.69 -12.17 14.55
CA GLN A 201 -25.18 -13.42 15.09
C GLN A 201 -26.08 -14.56 14.62
N ALA A 202 -25.58 -15.78 14.81
CA ALA A 202 -26.25 -16.95 14.23
C ALA A 202 -27.72 -16.99 14.61
N ASP A 203 -28.06 -16.59 15.84
CA ASP A 203 -29.42 -16.75 16.35
C ASP A 203 -30.06 -15.46 16.85
N LYS A 204 -29.49 -14.30 16.56
CA LYS A 204 -30.11 -13.07 17.04
C LYS A 204 -29.67 -11.84 16.26
N MET A 205 -30.59 -10.88 16.18
CA MET A 205 -30.28 -9.55 15.67
C MET A 205 -29.41 -8.78 16.65
N ASN A 206 -28.70 -7.77 16.12
CA ASN A 206 -27.85 -6.95 16.96
C ASN A 206 -27.40 -5.74 16.16
N GLY A 207 -27.38 -4.58 16.82
CA GLY A 207 -26.78 -3.37 16.25
C GLY A 207 -27.26 -2.98 14.87
N PHE A 208 -28.56 -2.91 14.69
CA PHE A 208 -29.23 -2.57 13.44
C PHE A 208 -29.05 -3.65 12.37
N CYS A 209 -28.48 -4.81 12.71
CA CYS A 209 -28.22 -5.87 11.75
C CYS A 209 -29.16 -7.05 11.97
N MET A 210 -29.70 -7.58 10.88
CA MET A 210 -30.51 -8.80 10.93
C MET A 210 -29.72 -10.04 10.53
N PHE A 211 -29.10 -10.02 9.35
CA PHE A 211 -28.28 -11.12 8.87
C PHE A 211 -26.86 -10.60 8.61
N ASN A 212 -25.87 -11.46 8.82
CA ASN A 212 -24.46 -11.06 8.74
C ASN A 212 -24.00 -11.21 7.30
N ASN A 213 -24.13 -10.12 6.53
CA ASN A 213 -23.89 -10.17 5.09
C ASN A 213 -22.52 -10.76 4.77
N LEU A 214 -21.46 -10.22 5.38
CA LEU A 214 -20.12 -10.63 4.98
C LEU A 214 -19.78 -12.04 5.46
N ALA A 215 -20.27 -12.44 6.63
CA ALA A 215 -20.01 -13.80 7.10
C ALA A 215 -20.65 -14.83 6.17
N ILE A 216 -21.89 -14.58 5.75
CA ILE A 216 -22.52 -15.44 4.77
C ILE A 216 -21.72 -15.44 3.47
N ALA A 217 -21.25 -14.26 3.05
CA ALA A 217 -20.51 -14.16 1.80
C ALA A 217 -19.18 -14.91 1.88
N ALA A 218 -18.53 -14.88 3.04
CA ALA A 218 -17.27 -15.59 3.20
C ALA A 218 -17.46 -17.10 2.99
N ARG A 219 -18.43 -17.68 3.69
CA ARG A 219 -18.66 -19.11 3.56
C ARG A 219 -19.22 -19.47 2.20
N TYR A 220 -20.04 -18.59 1.62
CA TYR A 220 -20.49 -18.80 0.25
C TYR A 220 -19.32 -18.87 -0.71
N ALA A 221 -18.35 -17.96 -0.56
CA ALA A 221 -17.17 -17.99 -1.42
C ALA A 221 -16.47 -19.34 -1.30
N GLN A 222 -16.38 -19.88 -0.09
CA GLN A 222 -15.67 -21.15 0.10
C GLN A 222 -16.48 -22.31 -0.45
N LYS A 223 -17.80 -22.27 -0.32
CA LYS A 223 -18.61 -23.41 -0.72
C LYS A 223 -18.83 -23.47 -2.23
N ARG A 224 -19.12 -22.33 -2.86
CA ARG A 224 -19.47 -22.29 -4.28
CA ARG A 224 -19.48 -22.30 -4.28
C ARG A 224 -18.31 -21.92 -5.19
N HIS A 225 -17.31 -21.21 -4.67
CA HIS A 225 -16.14 -20.83 -5.47
C HIS A 225 -14.85 -21.44 -4.96
N ARG A 226 -14.93 -22.35 -3.99
CA ARG A 226 -13.79 -23.16 -3.54
C ARG A 226 -12.59 -22.30 -3.19
N VAL A 227 -12.85 -21.09 -2.70
CA VAL A 227 -11.86 -20.33 -1.95
C VAL A 227 -11.50 -21.07 -0.68
N GLN A 228 -10.20 -21.14 -0.38
CA GLN A 228 -9.75 -21.71 0.89
C GLN A 228 -9.76 -20.67 2.00
N ARG A 229 -9.07 -19.56 1.79
CA ARG A 229 -8.82 -18.56 2.83
C ARG A 229 -9.46 -17.23 2.46
N VAL A 230 -10.27 -16.70 3.38
CA VAL A 230 -10.92 -15.40 3.24
C VAL A 230 -10.40 -14.49 4.35
N LEU A 231 -10.09 -13.25 3.98
CA LEU A 231 -9.77 -12.20 4.94
C LEU A 231 -10.93 -11.22 5.02
N ILE A 232 -11.43 -10.98 6.22
CA ILE A 232 -12.47 -9.98 6.46
C ILE A 232 -11.84 -8.83 7.24
N VAL A 233 -11.86 -7.65 6.64
CA VAL A 233 -11.33 -6.44 7.28
C VAL A 233 -12.52 -5.54 7.63
N ASP A 234 -12.53 -5.05 8.86
CA ASP A 234 -13.69 -4.36 9.43
C ASP A 234 -13.22 -3.02 9.97
N TRP A 235 -13.22 -2.00 9.12
CA TRP A 235 -12.80 -0.66 9.54
C TRP A 235 -13.96 0.21 9.99
N ASP A 236 -15.17 -0.34 10.07
CA ASP A 236 -16.27 0.30 10.76
C ASP A 236 -15.85 0.64 12.18
N VAL A 237 -16.39 1.74 12.71
CA VAL A 237 -15.91 2.21 14.01
C VAL A 237 -16.36 1.30 15.15
N HIS A 238 -17.38 0.46 14.93
CA HIS A 238 -17.83 -0.50 15.91
C HIS A 238 -17.17 -1.87 15.68
N HIS A 239 -17.11 -2.65 16.75
CA HIS A 239 -16.62 -4.03 16.66
C HIS A 239 -17.69 -4.92 16.05
N GLY A 240 -17.32 -5.63 14.98
CA GLY A 240 -18.26 -6.55 14.35
C GLY A 240 -18.27 -7.88 15.07
N GLN A 241 -18.76 -7.88 16.31
CA GLN A 241 -18.61 -9.05 17.16
C GLN A 241 -19.32 -10.27 16.56
N GLY A 242 -20.38 -10.05 15.79
CA GLY A 242 -21.04 -11.16 15.13
C GLY A 242 -20.09 -11.94 14.22
N ILE A 243 -19.29 -11.23 13.44
CA ILE A 243 -18.32 -11.90 12.58
C ILE A 243 -17.28 -12.64 13.40
N GLN A 244 -16.81 -12.01 14.48
CA GLN A 244 -15.81 -12.66 15.33
C GLN A 244 -16.34 -13.96 15.90
N TYR A 245 -17.57 -13.95 16.40
CA TYR A 245 -18.17 -15.17 16.94
C TYR A 245 -18.26 -16.25 15.86
N ILE A 246 -18.78 -15.89 14.68
CA ILE A 246 -19.08 -16.88 13.65
C ILE A 246 -17.82 -17.63 13.24
N PHE A 247 -16.69 -16.93 13.15
CA PHE A 247 -15.45 -17.53 12.71
C PHE A 247 -14.46 -17.73 13.84
N GLU A 248 -14.95 -17.77 15.08
CA GLU A 248 -14.06 -17.84 16.23
C GLU A 248 -13.11 -19.03 16.14
N GLU A 249 -13.62 -20.20 15.76
CA GLU A 249 -12.87 -21.45 15.78
C GLU A 249 -12.69 -21.99 14.37
N ASP A 250 -12.43 -21.08 13.42
CA ASP A 250 -12.38 -21.40 12.00
C ASP A 250 -11.17 -20.68 11.42
N PRO A 251 -10.07 -21.41 11.15
CA PRO A 251 -8.88 -20.76 10.58
C PRO A 251 -8.96 -20.53 9.07
N SER A 252 -10.04 -20.93 8.42
CA SER A 252 -10.21 -20.64 7.00
C SER A 252 -10.60 -19.18 6.76
N VAL A 253 -10.98 -18.45 7.81
CA VAL A 253 -11.33 -17.04 7.71
C VAL A 253 -10.53 -16.28 8.76
N LEU A 254 -9.90 -15.19 8.35
CA LEU A 254 -9.17 -14.29 9.23
C LEU A 254 -9.95 -12.99 9.34
N TYR A 255 -10.30 -12.61 10.57
CA TYR A 255 -11.11 -11.43 10.83
C TYR A 255 -10.27 -10.38 11.55
N PHE A 256 -10.15 -9.21 10.94
CA PHE A 256 -9.49 -8.07 11.56
C PHE A 256 -10.51 -6.96 11.73
N SER A 257 -10.63 -6.46 12.96
CA SER A 257 -11.55 -5.36 13.25
C SER A 257 -10.79 -4.27 13.99
N VAL A 258 -10.84 -3.05 13.47
CA VAL A 258 -10.32 -1.87 14.15
C VAL A 258 -11.50 -0.99 14.51
N HIS A 259 -11.60 -0.62 15.80
CA HIS A 259 -12.84 -0.08 16.31
C HIS A 259 -12.60 0.70 17.59
N ARG A 260 -13.53 1.61 17.87
CA ARG A 260 -13.54 2.32 19.15
C ARG A 260 -13.92 1.35 20.26
N TYR A 261 -13.25 1.49 21.41
CA TYR A 261 -13.46 0.59 22.53
C TYR A 261 -13.43 1.35 23.85
N GLU A 262 -12.38 2.13 24.05
CA GLU A 262 -12.11 2.81 25.32
C GLU A 262 -12.45 1.92 26.51
N ASP A 263 -11.70 0.81 26.60
CA ASP A 263 -11.76 -0.13 27.72
C ASP A 263 -13.19 -0.62 27.98
N GLY A 264 -13.94 -0.82 26.91
CA GLY A 264 -15.29 -1.34 27.00
C GLY A 264 -16.37 -0.32 27.24
N SER A 265 -16.03 0.96 27.31
CA SER A 265 -17.01 2.00 27.58
C SER A 265 -17.86 2.33 26.37
N PHE A 266 -17.42 1.96 25.17
CA PHE A 266 -18.15 2.21 23.93
C PHE A 266 -18.89 0.96 23.49
N TRP A 267 -20.12 1.15 23.02
CA TRP A 267 -20.97 0.05 22.60
C TRP A 267 -20.23 -0.81 21.56
N PRO A 268 -20.40 -2.15 21.59
CA PRO A 268 -21.31 -2.99 22.40
C PRO A 268 -20.89 -3.33 23.83
N HIS A 269 -19.81 -2.72 24.31
CA HIS A 269 -19.39 -2.85 25.71
C HIS A 269 -18.99 -4.28 26.06
N LEU A 270 -18.21 -4.94 25.20
CA LEU A 270 -17.88 -6.34 25.39
C LEU A 270 -16.41 -6.54 25.73
N LYS A 271 -16.15 -7.44 26.69
CA LYS A 271 -14.78 -7.83 26.99
C LYS A 271 -14.11 -8.42 25.76
N GLU A 272 -14.87 -9.16 24.95
CA GLU A 272 -14.32 -9.87 23.80
C GLU A 272 -14.02 -8.96 22.62
N SER A 273 -14.35 -7.67 22.71
CA SER A 273 -13.92 -6.72 21.68
C SER A 273 -12.46 -6.32 21.84
N ASP A 274 -11.78 -6.78 22.87
CA ASP A 274 -10.41 -6.40 23.14
C ASP A 274 -9.44 -7.31 22.37
N SER A 275 -8.23 -6.79 22.17
CA SER A 275 -7.18 -7.51 21.47
C SER A 275 -6.84 -8.85 22.12
N SER A 276 -7.30 -9.10 23.34
CA SER A 276 -7.00 -10.37 23.98
C SER A 276 -7.79 -11.53 23.39
N SER A 277 -8.85 -11.25 22.63
CA SER A 277 -9.66 -12.29 22.00
C SER A 277 -9.04 -12.64 20.66
N VAL A 278 -8.19 -13.68 20.67
CA VAL A 278 -7.45 -14.07 19.48
C VAL A 278 -8.09 -15.26 18.76
N GLY A 279 -9.30 -15.63 19.16
CA GLY A 279 -9.91 -16.86 18.69
C GLY A 279 -9.57 -18.03 19.58
N SER A 280 -10.21 -19.17 19.30
CA SER A 280 -10.04 -20.35 20.12
C SER A 280 -10.08 -21.60 19.25
N GLY A 281 -9.71 -22.74 19.83
CA GLY A 281 -9.66 -23.97 19.08
C GLY A 281 -8.76 -23.86 17.88
N ALA A 282 -9.20 -24.45 16.77
CA ALA A 282 -8.45 -24.36 15.53
C ALA A 282 -8.36 -22.92 15.02
N GLY A 283 -9.25 -22.04 15.46
CA GLY A 283 -9.27 -20.65 15.05
C GLY A 283 -8.39 -19.72 15.84
N GLN A 284 -7.70 -20.23 16.86
CA GLN A 284 -6.81 -19.40 17.66
C GLN A 284 -5.71 -18.80 16.79
N GLY A 285 -5.54 -17.48 16.89
CA GLY A 285 -4.64 -16.73 16.06
C GLY A 285 -5.31 -16.00 14.90
N TYR A 286 -6.50 -16.43 14.51
CA TYR A 286 -7.15 -15.95 13.29
C TYR A 286 -8.29 -14.96 13.58
N ASN A 287 -8.28 -14.34 14.76
CA ASN A 287 -9.20 -13.26 15.10
C ASN A 287 -8.38 -12.14 15.71
N ILE A 288 -8.52 -10.93 15.17
CA ILE A 288 -7.65 -9.81 15.55
C ILE A 288 -8.49 -8.57 15.79
N ASN A 289 -8.45 -8.06 17.02
CA ASN A 289 -9.12 -6.83 17.40
C ASN A 289 -8.08 -5.75 17.65
N LEU A 290 -8.27 -4.58 17.04
CA LEU A 290 -7.46 -3.39 17.31
C LEU A 290 -8.35 -2.37 18.00
N PRO A 291 -8.43 -2.37 19.32
CA PRO A 291 -9.32 -1.41 20.01
C PRO A 291 -8.66 -0.07 20.27
N TRP A 292 -9.24 1.00 19.74
CA TRP A 292 -8.80 2.34 20.12
C TRP A 292 -9.33 2.65 21.52
N ASN A 293 -8.48 3.17 22.40
CA ASN A 293 -8.89 3.49 23.76
C ASN A 293 -8.89 4.98 24.04
N LYS A 294 -8.67 5.81 23.01
CA LYS A 294 -9.02 7.22 23.05
C LYS A 294 -9.72 7.57 21.74
N VAL A 295 -10.64 8.53 21.80
CA VAL A 295 -11.34 8.97 20.59
C VAL A 295 -10.49 10.03 19.89
N GLY A 296 -10.91 10.44 18.70
CA GLY A 296 -10.19 11.45 17.95
C GLY A 296 -9.08 10.92 17.08
N MET A 297 -9.13 9.66 16.65
CA MET A 297 -8.09 9.10 15.82
C MET A 297 -8.16 9.67 14.40
N GLU A 298 -7.00 9.73 13.75
CA GLU A 298 -6.86 10.32 12.43
C GLU A 298 -6.29 9.27 11.46
N SER A 299 -6.10 9.70 10.21
CA SER A 299 -5.66 8.78 9.17
C SER A 299 -4.33 8.12 9.53
N GLY A 300 -3.39 8.90 10.07
CA GLY A 300 -2.09 8.35 10.39
C GLY A 300 -2.15 7.20 11.38
N ASP A 301 -3.19 7.17 12.22
CA ASP A 301 -3.35 6.07 13.16
C ASP A 301 -3.81 4.81 12.46
N TYR A 302 -4.83 4.94 11.59
CA TYR A 302 -5.28 3.79 10.81
C TYR A 302 -4.19 3.29 9.88
N ILE A 303 -3.51 4.20 9.19
CA ILE A 303 -2.53 3.78 8.18
C ILE A 303 -1.34 3.10 8.83
N THR A 304 -0.92 3.55 10.01
CA THR A 304 0.17 2.87 10.71
C THR A 304 -0.25 1.50 11.19
N ALA A 305 -1.51 1.36 11.66
CA ALA A 305 -2.01 0.06 12.05
C ALA A 305 -2.02 -0.91 10.87
N PHE A 306 -2.37 -0.42 9.69
CA PHE A 306 -2.33 -1.27 8.50
C PHE A 306 -0.90 -1.65 8.15
N GLN A 307 0.05 -0.72 8.30
CA GLN A 307 1.43 -1.00 7.93
C GLN A 307 2.09 -1.97 8.92
N GLN A 308 2.00 -1.67 10.21
CA GLN A 308 2.77 -2.42 11.20
C GLN A 308 2.11 -3.73 11.61
N LEU A 309 0.78 -3.86 11.47
CA LEU A 309 0.05 -5.00 12.01
C LEU A 309 -0.74 -5.76 10.95
N LEU A 310 -1.66 -5.10 10.22
CA LEU A 310 -2.57 -5.87 9.38
C LEU A 310 -1.88 -6.39 8.13
N LEU A 311 -1.15 -5.55 7.41
CA LEU A 311 -0.57 -6.00 6.15
C LEU A 311 0.45 -7.12 6.33
N PRO A 312 1.37 -7.05 7.30
CA PRO A 312 2.24 -8.23 7.54
C PRO A 312 1.46 -9.50 7.79
N VAL A 313 0.45 -9.43 8.66
CA VAL A 313 -0.38 -10.60 8.95
C VAL A 313 -1.11 -11.05 7.70
N ALA A 314 -1.72 -10.11 6.96
CA ALA A 314 -2.52 -10.49 5.80
C ALA A 314 -1.64 -11.12 4.72
N TYR A 315 -0.47 -10.54 4.46
CA TYR A 315 0.42 -11.14 3.46
C TYR A 315 0.88 -12.51 3.90
N GLU A 316 1.02 -12.75 5.20
CA GLU A 316 1.37 -14.08 5.68
C GLU A 316 0.20 -15.05 5.54
N PHE A 317 -1.02 -14.56 5.74
CA PHE A 317 -2.22 -15.39 5.63
C PHE A 317 -2.50 -15.80 4.19
N GLN A 318 -2.04 -15.01 3.23
CA GLN A 318 -2.26 -15.28 1.81
C GLN A 318 -3.73 -15.65 1.54
N PRO A 319 -4.65 -14.72 1.75
CA PRO A 319 -6.05 -14.99 1.40
C PRO A 319 -6.26 -14.99 -0.11
N GLN A 320 -7.36 -15.59 -0.52
CA GLN A 320 -7.79 -15.57 -1.92
C GLN A 320 -8.95 -14.62 -2.16
N LEU A 321 -9.50 -14.02 -1.11
CA LEU A 321 -10.56 -13.03 -1.22
C LEU A 321 -10.50 -12.14 0.01
N VAL A 322 -10.68 -10.84 -0.20
CA VAL A 322 -10.83 -9.89 0.90
C VAL A 322 -12.24 -9.33 0.87
N LEU A 323 -12.97 -9.50 1.96
CA LEU A 323 -14.24 -8.84 2.19
C LEU A 323 -14.01 -7.72 3.20
N VAL A 324 -14.61 -6.56 2.95
CA VAL A 324 -14.41 -5.40 3.81
C VAL A 324 -15.76 -4.99 4.38
N ALA A 325 -15.84 -4.96 5.71
CA ALA A 325 -16.97 -4.37 6.42
C ALA A 325 -16.79 -2.86 6.39
N ALA A 326 -17.20 -2.25 5.28
CA ALA A 326 -16.89 -0.86 4.99
C ALA A 326 -17.92 0.05 5.64
N GLY A 327 -17.73 0.28 6.94
CA GLY A 327 -18.44 1.33 7.62
C GLY A 327 -17.63 2.61 7.64
N PHE A 328 -18.31 3.75 7.57
CA PHE A 328 -17.66 5.05 7.47
C PHE A 328 -18.10 5.97 8.60
N ASP A 329 -18.35 5.39 9.78
CA ASP A 329 -18.59 6.15 11.00
C ASP A 329 -17.29 6.55 11.68
N ALA A 330 -16.15 6.16 11.14
CA ALA A 330 -14.86 6.66 11.60
C ALA A 330 -14.52 8.04 11.05
N VAL A 331 -15.33 8.56 10.13
CA VAL A 331 -15.00 9.75 9.36
C VAL A 331 -15.39 11.01 10.11
N ILE A 332 -14.65 12.10 9.82
CA ILE A 332 -14.96 13.43 10.30
C ILE A 332 -16.48 13.59 10.32
N GLY A 333 -17.02 14.10 11.42
CA GLY A 333 -18.41 14.51 11.46
C GLY A 333 -19.42 13.44 11.80
N ASP A 334 -19.00 12.20 11.98
CA ASP A 334 -19.96 11.17 12.32
C ASP A 334 -20.45 11.36 13.75
N PRO A 335 -21.75 11.28 14.01
CA PRO A 335 -22.24 11.56 15.37
C PRO A 335 -22.02 10.45 16.37
N LYS A 336 -21.73 9.23 15.93
CA LYS A 336 -21.58 8.09 16.82
C LYS A 336 -20.14 7.64 16.99
N GLY A 337 -19.30 7.81 15.96
CA GLY A 337 -17.94 7.26 16.04
C GLY A 337 -17.02 8.09 16.93
N GLY A 338 -17.11 9.41 16.84
CA GLY A 338 -16.22 10.27 17.60
C GLY A 338 -14.79 10.27 17.12
N MET A 339 -14.52 9.70 15.96
CA MET A 339 -13.19 9.70 15.38
C MET A 339 -13.07 10.88 14.40
N GLN A 340 -11.88 11.05 13.83
CA GLN A 340 -11.58 12.20 12.99
C GLN A 340 -10.79 11.78 11.76
N VAL A 341 -11.15 10.64 11.16
CA VAL A 341 -10.47 10.18 9.95
C VAL A 341 -11.04 10.94 8.75
N SER A 342 -10.17 11.46 7.92
CA SER A 342 -10.62 12.14 6.72
C SER A 342 -10.94 11.11 5.63
N PRO A 343 -11.99 11.34 4.83
CA PRO A 343 -12.39 10.31 3.85
C PRO A 343 -11.25 9.85 2.96
N GLU A 344 -10.34 10.76 2.59
CA GLU A 344 -9.20 10.39 1.76
C GLU A 344 -8.51 9.12 2.28
N CYS A 345 -8.54 8.91 3.59
CA CYS A 345 -7.84 7.78 4.18
C CYS A 345 -8.27 6.45 3.55
N PHE A 346 -9.56 6.33 3.23
CA PHE A 346 -10.08 5.06 2.74
C PHE A 346 -9.74 4.80 1.28
N SER A 347 -9.27 5.82 0.56
CA SER A 347 -8.58 5.55 -0.69
C SER A 347 -7.28 4.80 -0.42
N ILE A 348 -6.54 5.21 0.61
CA ILE A 348 -5.30 4.53 0.97
C ILE A 348 -5.58 3.11 1.44
N LEU A 349 -6.46 2.97 2.45
CA LEU A 349 -6.71 1.66 3.03
C LEU A 349 -7.23 0.68 1.97
N THR A 350 -8.10 1.15 1.07
CA THR A 350 -8.55 0.30 -0.03
C THR A 350 -7.38 -0.14 -0.90
N HIS A 351 -6.54 0.82 -1.31
CA HIS A 351 -5.39 0.50 -2.14
C HIS A 351 -4.50 -0.54 -1.46
N MET A 352 -4.27 -0.39 -0.16
CA MET A 352 -3.46 -1.36 0.56
C MET A 352 -4.03 -2.77 0.42
N LEU A 353 -5.34 -2.91 0.62
CA LEU A 353 -5.96 -4.23 0.59
C LEU A 353 -5.94 -4.85 -0.80
N LYS A 354 -5.80 -4.04 -1.86
CA LYS A 354 -5.66 -4.60 -3.19
C LYS A 354 -4.38 -5.41 -3.34
N GLY A 355 -3.42 -5.24 -2.44
CA GLY A 355 -2.19 -5.99 -2.52
C GLY A 355 -2.37 -7.47 -2.24
N VAL A 356 -3.03 -7.78 -1.12
CA VAL A 356 -3.36 -9.16 -0.81
C VAL A 356 -4.52 -9.62 -1.69
N ALA A 357 -4.58 -10.94 -1.95
CA ALA A 357 -5.65 -11.55 -2.72
C ALA A 357 -5.70 -11.06 -4.16
N GLN A 358 -4.56 -10.63 -4.72
CA GLN A 358 -4.48 -10.18 -6.11
C GLN A 358 -5.62 -9.24 -6.50
N GLY A 359 -5.96 -8.34 -5.59
CA GLY A 359 -6.99 -7.37 -5.88
C GLY A 359 -8.42 -7.89 -5.86
N ARG A 360 -8.62 -9.17 -5.58
CA ARG A 360 -9.97 -9.69 -5.41
C ARG A 360 -10.56 -9.13 -4.12
N LEU A 361 -11.30 -8.03 -4.24
CA LEU A 361 -11.71 -7.21 -3.11
C LEU A 361 -13.17 -6.83 -3.28
N VAL A 362 -13.97 -7.07 -2.25
CA VAL A 362 -15.39 -6.73 -2.25
C VAL A 362 -15.71 -5.95 -0.98
N LEU A 363 -16.23 -4.74 -1.14
CA LEU A 363 -16.63 -3.89 -0.03
C LEU A 363 -18.15 -3.92 0.13
N ALA A 364 -18.62 -3.96 1.36
CA ALA A 364 -20.04 -3.86 1.66
C ALA A 364 -20.25 -2.76 2.69
N LEU A 365 -21.29 -1.95 2.48
CA LEU A 365 -21.55 -0.83 3.38
C LEU A 365 -22.05 -1.36 4.72
N GLU A 366 -21.39 -0.98 5.80
CA GLU A 366 -21.84 -1.26 7.15
C GLU A 366 -22.40 0.02 7.76
N GLY A 367 -21.73 0.56 8.77
CA GLY A 367 -22.16 1.76 9.44
C GLY A 367 -21.71 3.03 8.74
N GLY A 368 -21.93 4.15 9.41
CA GLY A 368 -21.74 5.45 8.82
C GLY A 368 -23.04 6.23 8.86
N TYR A 369 -23.12 7.23 9.73
CA TYR A 369 -24.39 7.81 10.13
C TYR A 369 -24.49 9.31 9.89
N ASN A 370 -23.38 9.99 9.61
CA ASN A 370 -23.43 11.29 8.96
C ASN A 370 -23.51 11.08 7.46
N LEU A 371 -24.53 11.67 6.83
CA LEU A 371 -24.84 11.30 5.45
C LEU A 371 -23.74 11.73 4.49
N GLN A 372 -23.24 12.97 4.62
N GLN A 372 -23.25 12.97 4.63
CA GLN A 372 -22.19 13.43 3.74
CA GLN A 372 -22.19 13.43 3.73
C GLN A 372 -20.88 12.71 4.02
C GLN A 372 -20.89 12.69 4.01
N SER A 373 -20.52 12.56 5.28
CA SER A 373 -19.27 11.89 5.62
C SER A 373 -19.27 10.45 5.13
N THR A 374 -20.39 9.74 5.27
CA THR A 374 -20.47 8.39 4.76
C THR A 374 -20.33 8.36 3.24
N ALA A 375 -21.02 9.28 2.56
CA ALA A 375 -20.94 9.31 1.11
C ALA A 375 -19.53 9.66 0.66
N GLU A 376 -18.89 10.62 1.35
CA GLU A 376 -17.52 10.96 1.00
C GLU A 376 -16.58 9.78 1.23
N GLY A 377 -16.83 8.99 2.28
CA GLY A 377 -16.01 7.82 2.51
C GLY A 377 -16.19 6.77 1.43
N VAL A 378 -17.42 6.57 0.97
CA VAL A 378 -17.68 5.62 -0.10
C VAL A 378 -16.98 6.07 -1.38
N CYS A 379 -17.10 7.36 -1.72
CA CYS A 379 -16.45 7.87 -2.91
C CYS A 379 -14.94 7.68 -2.84
N ALA A 380 -14.35 7.95 -1.68
CA ALA A 380 -12.91 7.79 -1.55
C ALA A 380 -12.49 6.34 -1.75
N SER A 381 -13.30 5.39 -1.27
CA SER A 381 -13.00 3.99 -1.48
C SER A 381 -13.23 3.61 -2.94
N MET A 382 -14.36 4.05 -3.50
CA MET A 382 -14.70 3.70 -4.88
C MET A 382 -13.63 4.17 -5.85
N ARG A 383 -13.07 5.37 -5.64
CA ARG A 383 -12.02 5.85 -6.52
C ARG A 383 -10.84 4.89 -6.56
N SER A 384 -10.54 4.25 -5.42
CA SER A 384 -9.42 3.30 -5.41
C SER A 384 -9.82 1.99 -6.08
N LEU A 385 -11.06 1.55 -5.91
CA LEU A 385 -11.53 0.40 -6.66
C LEU A 385 -11.44 0.66 -8.16
N LEU A 386 -11.86 1.85 -8.59
CA LEU A 386 -11.79 2.27 -9.99
C LEU A 386 -10.37 2.59 -10.44
N GLY A 387 -9.39 2.49 -9.55
CA GLY A 387 -8.00 2.65 -9.96
C GLY A 387 -7.53 4.08 -10.10
N ASP A 388 -8.30 5.05 -9.63
CA ASP A 388 -7.84 6.43 -9.65
C ASP A 388 -6.67 6.62 -8.68
N PRO A 389 -5.78 7.56 -8.97
CA PRO A 389 -4.59 7.74 -8.10
C PRO A 389 -4.98 8.23 -6.72
N CYS A 390 -4.23 7.78 -5.73
CA CYS A 390 -4.56 8.10 -4.35
C CYS A 390 -4.49 9.61 -4.13
N PRO A 391 -5.25 10.13 -3.16
CA PRO A 391 -5.14 11.55 -2.81
C PRO A 391 -3.90 11.77 -1.96
N HIS A 392 -3.54 13.05 -1.83
CA HIS A 392 -2.62 13.44 -0.77
C HIS A 392 -3.35 13.35 0.56
N LEU A 393 -2.68 12.81 1.56
CA LEU A 393 -3.34 12.61 2.85
C LEU A 393 -3.62 13.96 3.48
N PRO A 394 -4.87 14.27 3.85
CA PRO A 394 -5.13 15.59 4.46
C PRO A 394 -4.49 15.74 5.82
N SER A 395 -4.45 14.69 6.62
CA SER A 395 -3.84 14.74 7.94
C SER A 395 -2.36 14.39 7.84
N SER A 396 -1.69 14.32 8.98
CA SER A 396 -0.28 13.97 9.03
C SER A 396 -0.11 12.45 9.03
N GLY A 397 0.95 11.98 8.39
N GLY A 397 0.94 11.98 8.38
CA GLY A 397 1.22 10.56 8.29
CA GLY A 397 1.22 10.56 8.29
C GLY A 397 1.86 9.99 9.53
C GLY A 397 1.88 10.00 9.53
N ALA A 398 1.42 10.44 10.70
CA ALA A 398 2.03 10.06 11.97
C ALA A 398 0.97 9.61 12.97
N PRO A 399 1.19 8.51 13.68
CA PRO A 399 0.22 8.09 14.71
C PRO A 399 0.44 8.83 16.01
N CYS A 400 -0.59 8.78 16.85
CA CYS A 400 -0.51 9.31 18.20
C CYS A 400 -0.09 8.22 19.17
N GLU A 401 0.25 8.63 20.40
CA GLU A 401 0.76 7.67 21.37
C GLU A 401 -0.28 6.60 21.70
N SER A 402 -1.54 7.01 21.86
CA SER A 402 -2.57 6.04 22.22
C SER A 402 -2.82 5.05 21.09
N ALA A 403 -2.60 5.46 19.84
CA ALA A 403 -2.71 4.53 18.72
C ALA A 403 -1.54 3.55 18.73
N LEU A 404 -0.32 4.07 18.89
CA LEU A 404 0.84 3.20 18.97
C LEU A 404 0.72 2.21 20.12
N LYS A 405 0.09 2.63 21.23
CA LYS A 405 -0.13 1.71 22.34
C LYS A 405 -1.09 0.60 21.93
N SER A 406 -2.26 0.96 21.40
CA SER A 406 -3.22 -0.04 20.97
C SER A 406 -2.62 -0.97 19.92
N ILE A 407 -1.89 -0.41 18.96
CA ILE A 407 -1.25 -1.22 17.92
C ILE A 407 -0.25 -2.19 18.54
N SER A 408 0.64 -1.66 19.39
CA SER A 408 1.65 -2.52 20.01
C SER A 408 1.00 -3.59 20.90
N LYS A 409 0.00 -3.19 21.68
CA LYS A 409 -0.74 -4.16 22.50
C LYS A 409 -1.33 -5.27 21.65
N THR A 410 -1.90 -4.92 20.49
CA THR A 410 -2.50 -5.93 19.63
C THR A 410 -1.43 -6.79 18.97
N ILE A 411 -0.32 -6.18 18.56
CA ILE A 411 0.80 -6.97 18.06
C ILE A 411 1.27 -7.95 19.12
N SER A 412 1.40 -7.47 20.36
CA SER A 412 1.87 -8.34 21.45
C SER A 412 0.90 -9.50 21.68
N ASP A 413 -0.40 -9.23 21.66
CA ASP A 413 -1.37 -10.28 21.94
C ASP A 413 -1.42 -11.32 20.83
N LEU A 414 -1.06 -10.94 19.60
CA LEU A 414 -1.06 -11.87 18.48
C LEU A 414 0.33 -12.37 18.11
N TYR A 415 1.37 -11.90 18.81
CA TYR A 415 2.74 -12.23 18.44
C TYR A 415 3.02 -13.72 18.36
N PRO A 416 2.46 -14.58 19.21
CA PRO A 416 2.81 -16.02 19.12
C PRO A 416 2.43 -16.67 17.81
N PHE A 417 1.41 -16.15 17.13
CA PHE A 417 0.75 -16.89 16.06
C PHE A 417 1.16 -16.48 14.65
N TRP A 418 1.91 -15.39 14.50
CA TRP A 418 2.20 -14.84 13.18
C TRP A 418 3.69 -14.57 13.06
N LYS A 419 4.34 -15.29 12.14
CA LYS A 419 5.78 -15.16 11.94
C LYS A 419 6.16 -13.81 11.36
N SER A 420 5.21 -13.11 10.72
CA SER A 420 5.48 -11.75 10.27
C SER A 420 5.57 -10.79 11.45
N LEU A 421 4.66 -10.92 12.41
CA LEU A 421 4.75 -10.11 13.62
C LEU A 421 6.03 -10.42 14.40
N GLN A 422 6.49 -11.67 14.34
CA GLN A 422 7.73 -12.06 15.02
C GLN A 422 8.97 -11.43 14.40
N THR A 423 8.80 -10.56 13.39
CA THR A 423 9.93 -9.75 12.93
C THR A 423 10.45 -8.85 14.04
N PHE A 424 9.57 -8.44 14.96
CA PHE A 424 9.98 -7.53 16.02
C PHE A 424 10.76 -8.26 17.09
N GLU A 425 11.93 -7.71 17.45
CA GLU A 425 12.66 -8.22 18.61
C GLU A 425 11.96 -7.84 19.91
N GLY A 426 11.41 -6.64 19.97
CA GLY A 426 10.87 -6.12 21.20
C GLY A 426 11.86 -5.25 21.93
N GLY A 427 11.47 -4.89 23.16
CA GLY A 427 12.22 -3.95 23.94
C GLY A 427 11.83 -2.52 23.61
N PRO A 428 12.18 -1.57 24.48
CA PRO A 428 11.70 -0.19 24.31
C PRO A 428 12.33 0.50 23.10
N LEU A 429 11.49 1.16 22.32
CA LEU A 429 11.90 2.12 21.31
C LEU A 429 11.71 3.54 21.86
N SER A 430 12.28 4.51 21.15
CA SER A 430 12.31 5.89 21.62
C SER A 430 10.89 6.44 21.78
N GLU A 431 10.77 7.46 22.65
CA GLU A 431 9.55 8.25 22.78
C GLU A 431 9.87 9.75 22.77
N VAL A 432 11.05 10.12 22.26
CA VAL A 432 11.38 11.52 22.04
C VAL A 432 10.44 12.14 21.02
N SER A 433 10.26 13.46 21.11
CA SER A 433 9.40 14.15 20.16
C SER A 433 9.92 13.93 18.74
N PRO A 434 9.08 13.47 17.82
CA PRO A 434 9.58 13.11 16.48
C PRO A 434 9.80 14.33 15.59
N LEU A 435 10.31 14.05 14.39
CA LEU A 435 10.45 15.07 13.36
C LEU A 435 9.08 15.59 12.93
N PRO A 436 9.04 16.76 12.30
CA PRO A 436 7.76 17.25 11.77
C PRO A 436 7.15 16.25 10.80
N ALA A 437 5.83 16.09 10.87
CA ALA A 437 5.05 15.24 9.98
C ALA A 437 4.09 16.13 9.21
N PRO A 438 4.55 16.71 8.10
CA PRO A 438 3.74 17.71 7.38
C PRO A 438 2.64 17.09 6.52
N VAL A 439 1.83 17.96 5.92
CA VAL A 439 0.76 17.56 5.02
C VAL A 439 0.91 18.32 3.71
N CYS A 440 0.59 17.66 2.60
CA CYS A 440 0.81 18.20 1.27
C CYS A 440 -0.45 18.87 0.72
N ALA A 441 -0.23 19.93 -0.06
CA ALA A 441 -1.34 20.63 -0.68
C ALA A 441 -2.08 19.70 -1.63
N GLU A 442 -3.40 19.85 -1.66
CA GLU A 442 -4.26 18.98 -2.46
C GLU A 442 -3.89 19.05 -3.94
N VAL A 443 -3.75 17.87 -4.56
CA VAL A 443 -3.67 17.75 -6.01
C VAL A 443 -4.97 17.14 -6.50
N LYS A 444 -5.57 17.76 -7.52
CA LYS A 444 -6.88 17.33 -8.00
C LYS A 444 -6.81 15.96 -8.66
N VAL A 445 -7.70 15.06 -8.25
CA VAL A 445 -7.69 13.69 -8.72
C VAL A 445 -8.19 13.61 -10.15
N SER A 446 -7.52 12.79 -10.97
CA SER A 446 -7.82 12.67 -12.39
C SER A 446 -7.53 11.24 -12.83
N SER A 447 -7.98 10.90 -14.04
CA SER A 447 -7.69 9.58 -14.60
C SER A 447 -6.17 9.40 -14.66
N PRO A 448 -5.64 8.25 -14.21
CA PRO A 448 -4.18 8.09 -14.15
C PRO A 448 -3.59 7.82 -15.53
N ILE A 449 -2.63 8.64 -15.93
CA ILE A 449 -1.83 8.41 -17.12
C ILE A 449 -0.43 8.04 -16.66
N THR A 450 0.10 6.93 -17.17
CA THR A 450 1.46 6.51 -16.88
C THR A 450 2.37 6.95 -18.03
N GLY A 451 3.42 7.69 -17.69
CA GLY A 451 4.40 8.08 -18.68
C GLY A 451 5.54 7.08 -18.78
N LEU A 452 6.06 6.93 -19.99
CA LEU A 452 7.20 6.06 -20.25
C LEU A 452 8.17 6.79 -21.14
N VAL A 453 9.46 6.74 -20.80
CA VAL A 453 10.49 7.38 -21.59
C VAL A 453 11.62 6.37 -21.84
N TYR A 454 12.06 6.30 -23.09
CA TYR A 454 13.10 5.39 -23.54
C TYR A 454 13.62 5.95 -24.85
N ASP A 455 14.94 5.91 -25.04
CA ASP A 455 15.52 6.27 -26.33
C ASP A 455 16.70 5.36 -26.61
N GLN A 456 16.76 4.84 -27.84
CA GLN A 456 17.76 3.83 -28.21
C GLN A 456 19.19 4.37 -28.11
N ARG A 457 19.36 5.69 -28.06
CA ARG A 457 20.69 6.27 -28.01
C ARG A 457 21.43 5.94 -26.72
N MET A 458 20.72 5.59 -25.65
CA MET A 458 21.39 5.23 -24.41
C MET A 458 22.04 3.85 -24.46
N MET A 459 22.04 3.19 -25.62
CA MET A 459 22.77 1.93 -25.76
C MET A 459 24.24 2.16 -26.09
N LEU A 460 24.63 3.35 -26.52
CA LEU A 460 25.94 3.58 -27.11
C LEU A 460 27.07 3.60 -26.09
N HIS A 461 26.77 3.80 -24.80
CA HIS A 461 27.74 3.66 -23.73
C HIS A 461 28.16 2.20 -23.57
N HIS A 462 29.46 1.93 -23.61
CA HIS A 462 29.93 0.54 -23.67
C HIS A 462 31.36 0.42 -23.18
N ASN A 463 31.81 -0.84 -23.02
CA ASN A 463 33.13 -1.19 -22.53
C ASN A 463 33.90 -1.90 -23.64
N MET A 464 34.84 -1.19 -24.27
CA MET A 464 35.55 -1.76 -25.41
C MET A 464 36.54 -2.83 -24.97
N TRP A 465 37.11 -2.72 -23.77
CA TRP A 465 38.14 -3.66 -23.33
C TRP A 465 37.58 -4.92 -22.68
N ASP A 466 36.29 -4.95 -22.32
CA ASP A 466 35.69 -6.11 -21.68
C ASP A 466 34.24 -6.26 -22.17
N SER A 467 34.09 -6.95 -23.29
CA SER A 467 32.76 -7.21 -23.84
C SER A 467 31.84 -7.90 -22.85
N HIS A 468 32.37 -8.52 -21.81
CA HIS A 468 31.58 -9.29 -20.87
C HIS A 468 31.30 -8.54 -19.57
N HIS A 469 31.48 -7.21 -19.57
CA HIS A 469 31.15 -6.41 -18.41
C HIS A 469 29.63 -6.31 -18.27
N PRO A 470 29.10 -6.41 -17.04
CA PRO A 470 27.65 -6.62 -16.89
C PRO A 470 26.76 -5.44 -17.27
N GLU A 471 27.27 -4.21 -17.30
CA GLU A 471 26.42 -3.05 -17.60
C GLU A 471 26.25 -2.93 -19.11
N LEU A 472 25.55 -3.92 -19.66
CA LEU A 472 25.44 -4.15 -21.10
C LEU A 472 24.45 -3.19 -21.74
N PRO A 473 24.73 -2.73 -22.96
CA PRO A 473 23.74 -1.87 -23.65
C PRO A 473 22.37 -2.51 -23.77
N GLN A 474 22.32 -3.82 -23.99
CA GLN A 474 21.06 -4.49 -24.27
C GLN A 474 20.11 -4.53 -23.08
N ARG A 475 20.57 -4.06 -21.91
CA ARG A 475 19.70 -4.00 -20.74
C ARG A 475 18.42 -3.22 -21.03
N ILE A 476 18.54 -2.08 -21.71
CA ILE A 476 17.35 -1.23 -21.90
C ILE A 476 16.56 -1.63 -23.14
N SER A 477 17.21 -2.24 -24.15
CA SER A 477 16.46 -2.71 -25.31
C SER A 477 15.61 -3.94 -24.95
N ARG A 478 16.16 -4.84 -24.14
CA ARG A 478 15.38 -5.99 -23.69
C ARG A 478 14.21 -5.54 -22.82
N ILE A 479 14.44 -4.58 -21.93
CA ILE A 479 13.36 -4.06 -21.09
C ILE A 479 12.27 -3.42 -21.97
N PHE A 480 12.67 -2.62 -22.96
CA PHE A 480 11.70 -1.98 -23.82
C PHE A 480 10.94 -2.99 -24.66
N SER A 481 11.62 -4.03 -25.15
CA SER A 481 10.94 -5.05 -25.94
C SER A 481 9.85 -5.74 -25.12
N ARG A 482 10.14 -6.05 -23.86
CA ARG A 482 9.16 -6.72 -23.01
C ARG A 482 7.96 -5.82 -22.73
N HIS A 483 8.16 -4.51 -22.66
CA HIS A 483 7.04 -3.59 -22.58
C HIS A 483 6.21 -3.61 -23.86
N GLU A 484 6.86 -3.78 -25.01
CA GLU A 484 6.16 -3.81 -26.29
C GLU A 484 5.44 -5.13 -26.51
N GLU A 485 6.04 -6.23 -26.04
CA GLU A 485 5.37 -7.53 -26.12
C GLU A 485 4.09 -7.53 -25.27
N LEU A 486 4.23 -7.19 -23.99
CA LEU A 486 3.11 -7.20 -23.05
C LEU A 486 2.14 -6.04 -23.27
N ARG A 487 2.32 -5.28 -24.34
CA ARG A 487 1.44 -4.18 -24.74
C ARG A 487 1.40 -3.07 -23.70
N LEU A 488 2.33 -3.07 -22.74
CA LEU A 488 2.42 -1.96 -21.79
C LEU A 488 2.80 -0.67 -22.49
N LEU A 489 3.66 -0.75 -23.51
CA LEU A 489 4.12 0.45 -24.21
C LEU A 489 2.94 1.24 -24.77
N SER A 490 2.02 0.56 -25.43
CA SER A 490 0.87 1.24 -26.03
C SER A 490 -0.10 1.76 -24.99
N ARG A 491 -0.01 1.28 -23.75
CA ARG A 491 -0.87 1.78 -22.68
C ARG A 491 -0.30 3.05 -22.04
N CYS A 492 1.02 3.22 -22.08
CA CYS A 492 1.67 4.38 -21.50
C CYS A 492 1.64 5.57 -22.46
N HIS A 493 1.92 6.74 -21.91
CA HIS A 493 2.12 7.96 -22.69
C HIS A 493 3.61 8.16 -22.88
N ARG A 494 4.03 8.37 -24.13
CA ARG A 494 5.45 8.36 -24.48
C ARG A 494 6.02 9.76 -24.25
N ILE A 495 6.78 9.88 -23.17
CA ILE A 495 7.48 11.13 -22.85
C ILE A 495 8.72 11.23 -23.74
N PRO A 496 8.97 12.36 -24.39
CA PRO A 496 10.20 12.48 -25.18
C PRO A 496 11.44 12.61 -24.31
N ALA A 497 12.54 12.05 -24.80
CA ALA A 497 13.82 12.18 -24.14
C ALA A 497 14.50 13.50 -24.51
N ARG A 498 15.32 14.01 -23.60
CA ARG A 498 16.11 15.19 -23.88
C ARG A 498 17.41 15.15 -23.09
N LEU A 499 18.34 16.02 -23.49
CA LEU A 499 19.62 16.13 -22.82
C LEU A 499 19.53 17.06 -21.62
N ALA A 500 20.11 16.65 -20.50
CA ALA A 500 20.34 17.57 -19.40
C ALA A 500 21.31 18.66 -19.82
N THR A 501 21.15 19.84 -19.24
CA THR A 501 22.08 20.94 -19.45
C THR A 501 23.20 20.88 -18.42
N GLU A 502 24.32 21.54 -18.73
CA GLU A 502 25.35 21.72 -17.72
C GLU A 502 24.77 22.43 -16.50
N GLU A 503 23.92 23.43 -16.73
CA GLU A 503 23.24 24.12 -15.63
C GLU A 503 22.51 23.12 -14.75
N GLU A 504 21.76 22.21 -15.36
CA GLU A 504 20.99 21.23 -14.59
C GLU A 504 21.91 20.25 -13.86
N LEU A 505 23.02 19.86 -14.49
CA LEU A 505 23.99 19.01 -13.80
C LEU A 505 24.61 19.72 -12.60
N ALA A 506 24.78 21.03 -12.69
CA ALA A 506 25.36 21.80 -11.59
C ALA A 506 24.51 21.79 -10.34
N LEU A 507 23.28 21.28 -10.42
CA LEU A 507 22.43 21.18 -9.23
C LEU A 507 23.00 20.21 -8.21
N CYS A 508 23.86 19.28 -8.64
CA CYS A 508 24.49 18.33 -7.72
C CYS A 508 25.97 18.11 -7.97
N HIS A 509 26.49 18.35 -9.18
CA HIS A 509 27.86 18.01 -9.52
C HIS A 509 28.72 19.25 -9.70
N SER A 510 29.97 19.15 -9.26
CA SER A 510 30.89 20.26 -9.36
C SER A 510 31.24 20.54 -10.82
N SER A 511 31.50 21.82 -11.11
N SER A 511 31.51 21.81 -11.12
CA SER A 511 31.90 22.22 -12.45
CA SER A 511 31.85 22.16 -12.49
C SER A 511 33.12 21.46 -12.93
C SER A 511 33.13 21.46 -12.95
N LYS A 512 33.99 21.05 -12.01
CA LYS A 512 35.12 20.20 -12.37
C LYS A 512 34.65 18.86 -12.93
N HIS A 513 33.91 18.10 -12.12
CA HIS A 513 33.41 16.78 -12.53
C HIS A 513 32.62 16.86 -13.82
N ILE A 514 31.81 17.90 -13.98
CA ILE A 514 31.04 18.07 -15.22
C ILE A 514 32.00 18.25 -16.40
N SER A 515 33.00 19.12 -16.23
CA SER A 515 33.89 19.42 -17.36
C SER A 515 34.77 18.23 -17.70
N ILE A 516 35.20 17.46 -16.70
CA ILE A 516 35.95 16.23 -16.96
C ILE A 516 35.17 15.33 -17.89
N ILE A 517 33.95 14.95 -17.48
CA ILE A 517 33.16 14.03 -18.28
C ILE A 517 32.76 14.66 -19.61
N LYS A 518 32.52 15.97 -19.64
CA LYS A 518 32.16 16.61 -20.90
C LYS A 518 33.26 16.41 -21.95
N SER A 519 34.52 16.39 -21.52
CA SER A 519 35.63 16.19 -22.44
C SER A 519 35.69 14.78 -23.00
N SER A 520 35.02 13.83 -22.34
CA SER A 520 35.08 12.43 -22.79
C SER A 520 34.42 12.24 -24.14
N GLU A 521 33.57 13.17 -24.58
CA GLU A 521 33.08 13.13 -25.95
C GLU A 521 34.21 13.18 -26.97
N HIS A 522 35.43 13.43 -26.53
CA HIS A 522 36.58 13.66 -27.39
C HIS A 522 37.83 12.92 -26.95
N MET A 523 37.92 12.56 -25.67
CA MET A 523 39.03 11.75 -25.17
C MET A 523 39.14 10.44 -25.93
N LYS A 524 40.38 10.07 -26.26
CA LYS A 524 40.64 8.87 -27.04
C LYS A 524 40.67 7.63 -26.15
N PRO A 525 40.57 6.44 -26.75
CA PRO A 525 40.53 5.20 -25.98
C PRO A 525 41.52 5.05 -24.83
N ARG A 526 42.82 5.16 -25.08
CA ARG A 526 43.79 4.88 -24.02
C ARG A 526 43.62 5.86 -22.87
N ASP A 527 43.29 7.12 -23.17
CA ASP A 527 42.95 8.06 -22.11
C ASP A 527 41.70 7.60 -21.36
N LEU A 528 40.72 7.06 -22.08
CA LEU A 528 39.50 6.57 -21.44
C LEU A 528 39.79 5.40 -20.52
N ASN A 529 40.81 4.59 -20.83
CA ASN A 529 41.18 3.48 -19.95
C ASN A 529 41.88 3.99 -18.70
N ARG A 530 42.77 4.97 -18.85
CA ARG A 530 43.39 5.58 -17.68
C ARG A 530 42.34 6.25 -16.80
N LEU A 531 41.53 7.11 -17.40
CA LEU A 531 40.50 7.83 -16.64
C LEU A 531 39.63 6.87 -15.85
N GLY A 532 39.19 5.79 -16.50
CA GLY A 532 38.36 4.82 -15.81
C GLY A 532 39.02 4.25 -14.57
N ASP A 533 40.35 4.09 -14.60
CA ASP A 533 41.06 3.53 -13.45
C ASP A 533 41.20 4.53 -12.31
N GLU A 534 41.00 5.82 -12.55
CA GLU A 534 40.97 6.79 -11.46
C GLU A 534 39.73 6.63 -10.59
N TYR A 535 38.73 5.88 -11.05
CA TYR A 535 37.48 5.68 -10.35
C TYR A 535 37.34 4.23 -9.90
N ASN A 536 36.51 4.01 -8.90
CA ASN A 536 36.19 2.65 -8.46
C ASN A 536 35.16 2.06 -9.41
N SER A 537 35.55 1.03 -10.16
CA SER A 537 34.64 0.23 -10.98
C SER A 537 33.87 1.10 -11.99
N ILE A 538 34.62 1.70 -12.91
CA ILE A 538 34.05 2.52 -13.96
C ILE A 538 34.71 2.18 -15.30
N PHE A 539 33.91 2.22 -16.37
CA PHE A 539 34.40 2.15 -17.74
C PHE A 539 33.75 3.28 -18.54
N ILE A 540 34.43 3.71 -19.61
CA ILE A 540 34.02 4.91 -20.33
C ILE A 540 34.17 4.74 -21.83
N SER A 541 33.33 5.47 -22.57
CA SER A 541 33.29 5.46 -24.02
C SER A 541 32.96 6.87 -24.50
N ASN A 542 33.17 7.13 -25.78
CA ASN A 542 33.01 8.49 -26.28
C ASN A 542 31.55 8.95 -26.31
N GLU A 543 30.60 8.07 -26.05
CA GLU A 543 29.20 8.43 -25.95
C GLU A 543 28.71 8.47 -24.50
N SER A 544 29.55 8.07 -23.55
CA SER A 544 29.11 7.93 -22.16
C SER A 544 28.53 9.23 -21.61
N TYR A 545 29.09 10.37 -22.02
CA TYR A 545 28.57 11.66 -21.55
C TYR A 545 27.16 11.90 -22.09
N THR A 546 26.98 11.73 -23.40
CA THR A 546 25.67 11.98 -24.00
C THR A 546 24.62 11.04 -23.44
N CYS A 547 24.97 9.76 -23.22
CA CYS A 547 24.02 8.83 -22.62
C CYS A 547 23.62 9.27 -21.22
N ALA A 548 24.61 9.65 -20.40
CA ALA A 548 24.31 10.10 -19.05
C ALA A 548 23.51 11.40 -19.07
N LEU A 549 23.65 12.21 -20.12
CA LEU A 549 22.82 13.40 -20.24
C LEU A 549 21.37 13.02 -20.50
N LEU A 550 21.15 12.00 -21.33
CA LEU A 550 19.78 11.55 -21.60
C LEU A 550 19.18 10.86 -20.37
N ALA A 551 19.98 10.05 -19.68
CA ALA A 551 19.51 9.40 -18.46
C ALA A 551 19.06 10.41 -17.42
N ALA A 552 19.58 11.63 -17.47
CA ALA A 552 19.13 12.69 -16.57
C ALA A 552 17.98 13.48 -17.17
N GLY A 553 18.17 14.00 -18.39
CA GLY A 553 17.17 14.86 -18.99
C GLY A 553 15.84 14.15 -19.23
N SER A 554 15.89 12.84 -19.46
CA SER A 554 14.65 12.08 -19.64
C SER A 554 13.88 12.00 -18.32
N CYS A 555 14.61 11.84 -17.21
CA CYS A 555 13.95 11.85 -15.90
C CYS A 555 13.46 13.25 -15.55
N PHE A 556 14.14 14.30 -16.02
CA PHE A 556 13.62 15.65 -15.83
C PHE A 556 12.29 15.81 -16.57
N ASN A 557 12.27 15.46 -17.86
CA ASN A 557 11.03 15.53 -18.64
C ASN A 557 9.92 14.72 -17.99
N SER A 558 10.28 13.57 -17.40
CA SER A 558 9.27 12.77 -16.68
C SER A 558 8.77 13.51 -15.45
N ALA A 559 9.69 14.01 -14.62
CA ALA A 559 9.28 14.76 -13.43
C ALA A 559 8.45 15.98 -13.81
N GLN A 560 8.80 16.64 -14.91
CA GLN A 560 8.01 17.78 -15.35
C GLN A 560 6.61 17.34 -15.75
N ALA A 561 6.50 16.21 -16.46
CA ALA A 561 5.19 15.73 -16.87
C ALA A 561 4.35 15.34 -15.66
N ILE A 562 4.98 14.73 -14.65
CA ILE A 562 4.25 14.36 -13.44
C ILE A 562 3.76 15.62 -12.72
N LEU A 563 4.66 16.56 -12.46
CA LEU A 563 4.33 17.69 -11.60
C LEU A 563 3.49 18.75 -12.31
N THR A 564 3.45 18.74 -13.64
CA THR A 564 2.52 19.59 -14.38
C THR A 564 1.21 18.86 -14.69
N GLY A 565 1.08 17.60 -14.29
CA GLY A 565 -0.15 16.88 -14.50
C GLY A 565 -0.39 16.38 -15.92
N GLN A 566 0.64 16.37 -16.75
CA GLN A 566 0.51 15.72 -18.06
C GLN A 566 0.41 14.21 -17.90
N VAL A 567 1.10 13.65 -16.91
CA VAL A 567 0.93 12.26 -16.49
C VAL A 567 0.91 12.26 -14.97
N ARG A 568 0.60 11.11 -14.39
CA ARG A 568 0.52 10.98 -12.94
C ARG A 568 1.69 10.22 -12.34
N ASN A 569 2.16 9.16 -13.01
CA ASN A 569 3.36 8.45 -12.63
C ASN A 569 4.11 8.11 -13.91
N ALA A 570 5.33 7.62 -13.78
CA ALA A 570 6.12 7.38 -14.97
C ALA A 570 7.22 6.36 -14.71
N VAL A 571 7.72 5.79 -15.79
CA VAL A 571 8.84 4.85 -15.77
C VAL A 571 9.89 5.35 -16.76
N ALA A 572 11.15 5.30 -16.35
CA ALA A 572 12.26 5.82 -17.14
C ALA A 572 13.27 4.70 -17.38
N ILE A 573 13.32 4.22 -18.62
CA ILE A 573 14.19 3.10 -19.00
C ILE A 573 15.49 3.72 -19.50
N VAL A 574 16.44 3.90 -18.58
CA VAL A 574 17.63 4.71 -18.84
C VAL A 574 18.89 3.97 -18.40
N ARG A 575 20.00 4.31 -19.05
CA ARG A 575 21.33 3.94 -18.62
C ARG A 575 22.29 4.98 -19.16
N PRO A 576 23.46 5.15 -18.53
CA PRO A 576 23.96 4.44 -17.34
C PRO A 576 23.26 4.83 -16.03
N PRO A 577 23.44 4.02 -15.00
CA PRO A 577 22.87 4.35 -13.68
C PRO A 577 23.53 5.58 -13.07
N GLY A 578 22.99 6.00 -11.93
CA GLY A 578 23.44 7.20 -11.29
C GLY A 578 23.71 7.16 -9.80
N HIS A 579 23.12 6.20 -9.08
CA HIS A 579 23.04 6.37 -7.63
C HIS A 579 24.37 6.17 -6.91
N HIS A 580 25.45 5.78 -7.62
CA HIS A 580 26.78 5.76 -7.01
C HIS A 580 27.56 7.04 -7.26
N ALA A 581 27.20 7.80 -8.28
CA ALA A 581 27.97 8.99 -8.67
C ALA A 581 27.90 10.07 -7.59
N GLU A 582 29.05 10.67 -7.31
CA GLU A 582 29.22 11.60 -6.21
C GLU A 582 29.16 13.04 -6.70
N LYS A 583 29.24 13.98 -5.74
CA LYS A 583 29.40 15.39 -6.08
C LYS A 583 30.54 15.59 -7.06
N ASP A 584 31.64 14.83 -6.88
CA ASP A 584 32.89 15.14 -7.55
C ASP A 584 33.61 13.92 -8.13
N THR A 585 32.96 12.75 -8.19
CA THR A 585 33.60 11.60 -8.81
C THR A 585 32.56 10.60 -9.28
N ALA A 586 32.88 9.92 -10.36
CA ALA A 586 32.13 8.74 -10.79
C ALA A 586 32.50 7.53 -9.94
N CYS A 587 31.59 6.57 -9.88
CA CYS A 587 31.79 5.37 -9.08
C CYS A 587 30.73 4.35 -9.43
N GLY A 588 31.06 3.08 -9.25
CA GLY A 588 30.12 1.99 -9.42
C GLY A 588 29.27 2.04 -10.68
N PHE A 589 29.92 2.19 -11.83
CA PHE A 589 29.29 2.22 -13.14
C PHE A 589 28.45 3.47 -13.37
N CYS A 590 28.53 4.47 -12.48
CA CYS A 590 27.70 5.67 -12.57
C CYS A 590 28.57 6.90 -12.80
N PHE A 591 28.07 7.84 -13.63
CA PHE A 591 28.73 9.11 -13.85
C PHE A 591 27.99 10.26 -13.18
N PHE A 592 26.72 10.45 -13.51
CA PHE A 592 25.88 11.51 -12.96
C PHE A 592 24.74 10.88 -12.17
N ASN A 593 24.39 11.50 -11.04
CA ASN A 593 23.38 10.93 -10.14
C ASN A 593 22.00 11.42 -10.59
N THR A 594 21.47 10.74 -11.61
CA THR A 594 20.23 11.19 -12.21
C THR A 594 19.07 11.17 -11.22
N ALA A 595 19.11 10.26 -10.24
CA ALA A 595 18.08 10.26 -9.20
C ALA A 595 18.13 11.56 -8.40
N ALA A 596 19.29 11.88 -7.83
CA ALA A 596 19.44 13.10 -7.06
C ALA A 596 19.17 14.33 -7.92
N LEU A 597 19.71 14.35 -9.14
CA LEU A 597 19.50 15.49 -10.02
C LEU A 597 18.02 15.71 -10.30
N THR A 598 17.26 14.62 -10.49
CA THR A 598 15.84 14.76 -10.77
C THR A 598 15.09 15.37 -9.59
N ALA A 599 15.46 14.97 -8.37
CA ALA A 599 14.87 15.60 -7.19
C ALA A 599 15.12 17.10 -7.19
N ARG A 600 16.37 17.51 -7.46
CA ARG A 600 16.67 18.93 -7.51
C ARG A 600 15.91 19.62 -8.65
N TYR A 601 15.82 18.95 -9.81
CA TYR A 601 15.05 19.52 -10.91
C TYR A 601 13.60 19.74 -10.50
N ALA A 602 13.01 18.76 -9.82
CA ALA A 602 11.64 18.92 -9.33
C ALA A 602 11.54 20.15 -8.43
N GLN A 603 12.45 20.27 -7.48
CA GLN A 603 12.47 21.44 -6.61
C GLN A 603 12.69 22.72 -7.40
N SER A 604 13.39 22.65 -8.53
CA SER A 604 13.68 23.86 -9.30
C SER A 604 12.45 24.36 -10.04
N ILE A 605 11.61 23.44 -10.55
CA ILE A 605 10.44 23.85 -11.32
C ILE A 605 9.18 24.03 -10.48
N THR A 606 9.20 23.58 -9.22
CA THR A 606 8.09 23.83 -8.32
C THR A 606 8.55 24.86 -7.29
N ARG A 607 9.10 24.43 -6.16
CA ARG A 607 9.60 25.33 -5.13
C ARG A 607 10.78 24.65 -4.45
N GLU A 608 11.71 25.45 -3.94
CA GLU A 608 12.96 24.90 -3.41
C GLU A 608 12.71 23.88 -2.30
N SER A 609 11.58 23.97 -1.61
CA SER A 609 11.32 23.12 -0.45
C SER A 609 10.43 21.92 -0.77
N LEU A 610 10.20 21.61 -2.04
CA LEU A 610 9.38 20.46 -2.40
C LEU A 610 9.98 19.19 -1.82
N ARG A 611 9.17 18.46 -1.05
CA ARG A 611 9.62 17.22 -0.44
C ARG A 611 9.68 16.10 -1.47
N VAL A 612 10.83 15.45 -1.59
CA VAL A 612 11.02 14.34 -2.51
C VAL A 612 11.56 13.14 -1.74
N LEU A 613 11.03 11.96 -2.03
CA LEU A 613 11.51 10.71 -1.48
C LEU A 613 12.23 9.94 -2.58
N ILE A 614 13.45 9.48 -2.29
CA ILE A 614 14.19 8.63 -3.20
C ILE A 614 14.30 7.26 -2.53
N VAL A 615 13.65 6.25 -3.12
CA VAL A 615 13.76 4.87 -2.68
C VAL A 615 14.73 4.15 -3.59
N ASP A 616 15.70 3.46 -3.02
CA ASP A 616 16.80 2.83 -3.74
C ASP A 616 16.78 1.35 -3.37
N TRP A 617 16.14 0.53 -4.20
CA TRP A 617 16.12 -0.91 -3.99
C TRP A 617 17.17 -1.64 -4.81
N ASP A 618 18.04 -0.91 -5.50
CA ASP A 618 19.24 -1.52 -6.06
C ASP A 618 19.99 -2.29 -4.97
N VAL A 619 20.59 -3.42 -5.35
CA VAL A 619 21.29 -4.22 -4.36
C VAL A 619 22.51 -3.48 -3.81
N HIS A 620 23.07 -2.54 -4.58
CA HIS A 620 24.14 -1.69 -4.11
C HIS A 620 23.57 -0.51 -3.32
N HIS A 621 24.36 -0.03 -2.35
CA HIS A 621 24.04 1.22 -1.69
C HIS A 621 24.43 2.40 -2.58
N GLY A 622 23.52 3.35 -2.75
CA GLY A 622 23.79 4.52 -3.54
C GLY A 622 24.55 5.58 -2.75
N ASN A 623 25.83 5.30 -2.49
CA ASN A 623 26.65 6.21 -1.70
C ASN A 623 26.54 7.64 -2.18
N GLY A 624 26.69 7.87 -3.49
CA GLY A 624 26.62 9.22 -4.00
C GLY A 624 25.31 9.89 -3.69
N THR A 625 24.22 9.13 -3.71
CA THR A 625 22.90 9.69 -3.40
C THR A 625 22.80 10.04 -1.92
N GLN A 626 23.27 9.14 -1.05
CA GLN A 626 23.28 9.43 0.39
C GLN A 626 24.00 10.74 0.67
N HIS A 627 25.19 10.90 0.10
CA HIS A 627 26.03 12.07 0.42
C HIS A 627 25.36 13.36 -0.04
N ILE A 628 24.78 13.39 -1.24
CA ILE A 628 24.21 14.62 -1.76
C ILE A 628 23.09 15.15 -0.88
N PHE A 629 22.43 14.27 -0.11
CA PHE A 629 21.31 14.68 0.72
C PHE A 629 21.53 14.35 2.20
N GLU A 630 22.77 14.17 2.62
CA GLU A 630 23.03 13.75 3.99
C GLU A 630 22.72 14.85 5.00
N GLU A 631 22.72 16.11 4.58
CA GLU A 631 22.39 17.23 5.46
C GLU A 631 21.03 17.83 5.14
N ASP A 632 20.27 17.22 4.25
CA ASP A 632 19.09 17.84 3.65
C ASP A 632 17.81 17.22 4.21
N ASP A 633 16.90 18.08 4.66
CA ASP A 633 15.59 17.66 5.15
C ASP A 633 14.49 17.82 4.11
N SER A 634 14.82 18.34 2.91
CA SER A 634 13.86 18.43 1.83
C SER A 634 13.83 17.18 0.96
N VAL A 635 14.80 16.28 1.12
CA VAL A 635 14.84 15.02 0.38
C VAL A 635 15.14 13.89 1.35
N LEU A 636 14.32 12.84 1.29
CA LEU A 636 14.50 11.65 2.10
C LEU A 636 15.01 10.52 1.21
N TYR A 637 16.14 9.94 1.59
CA TYR A 637 16.75 8.83 0.87
C TYR A 637 16.59 7.57 1.71
N ILE A 638 15.93 6.56 1.16
CA ILE A 638 15.84 5.22 1.75
C ILE A 638 16.50 4.25 0.78
N SER A 639 17.43 3.45 1.30
CA SER A 639 18.11 2.46 0.49
C SER A 639 18.03 1.09 1.16
N LEU A 640 17.68 0.07 0.37
CA LEU A 640 17.86 -1.32 0.73
C LEU A 640 19.01 -1.86 -0.12
N HIS A 641 19.94 -2.57 0.51
CA HIS A 641 21.19 -2.87 -0.16
C HIS A 641 21.92 -3.95 0.61
N ARG A 642 22.76 -4.70 -0.12
CA ARG A 642 23.63 -5.69 0.49
C ARG A 642 24.88 -5.01 1.01
N TYR A 643 25.38 -5.48 2.16
CA TYR A 643 26.38 -4.76 2.93
C TYR A 643 27.40 -5.71 3.54
N GLU A 644 26.94 -6.81 4.13
CA GLU A 644 27.79 -7.86 4.68
C GLU A 644 28.82 -7.28 5.67
N ASP A 645 28.29 -6.61 6.69
CA ASP A 645 29.10 -5.96 7.72
C ASP A 645 30.23 -5.13 7.11
N GLY A 646 29.95 -4.53 5.95
CA GLY A 646 30.88 -3.63 5.30
C GLY A 646 31.66 -4.24 4.15
N ALA A 647 31.57 -5.55 3.95
CA ALA A 647 32.40 -6.21 2.95
C ALA A 647 31.91 -5.94 1.53
N PHE A 648 30.60 -5.87 1.33
CA PHE A 648 30.01 -5.78 0.00
C PHE A 648 30.10 -4.35 -0.54
N PHE A 649 30.09 -4.25 -1.87
CA PHE A 649 30.23 -2.97 -2.55
C PHE A 649 29.18 -1.98 -2.03
N PRO A 650 29.53 -0.69 -1.88
CA PRO A 650 30.78 0.01 -2.21
C PRO A 650 31.85 -0.09 -1.13
N ASN A 651 31.71 -1.07 -0.23
CA ASN A 651 32.74 -1.40 0.75
C ASN A 651 32.94 -0.30 1.77
N SER A 652 31.99 0.62 1.88
CA SER A 652 32.06 1.75 2.81
C SER A 652 31.01 1.57 3.90
N GLU A 653 31.40 1.89 5.14
CA GLU A 653 30.49 1.80 6.27
C GLU A 653 29.44 2.89 6.26
N ASP A 654 29.52 3.84 5.31
CA ASP A 654 28.44 4.81 5.12
C ASP A 654 27.10 4.11 4.97
N ALA A 655 27.09 2.90 4.40
CA ALA A 655 25.86 2.19 4.08
C ALA A 655 25.26 1.46 5.27
N ASN A 656 25.82 1.62 6.47
CA ASN A 656 25.28 0.92 7.63
C ASN A 656 24.04 1.64 8.15
N TYR A 657 23.34 0.97 9.07
CA TYR A 657 22.04 1.47 9.52
C TYR A 657 22.17 2.73 10.38
N ASP A 658 23.26 2.84 11.15
CA ASP A 658 23.41 3.97 12.08
C ASP A 658 23.79 5.26 11.41
N LYS A 659 23.84 5.30 10.07
CA LYS A 659 24.21 6.50 9.33
C LYS A 659 22.94 7.26 8.95
N VAL A 660 22.35 7.90 9.96
CA VAL A 660 21.00 8.44 9.85
C VAL A 660 20.96 9.86 9.28
N GLY A 661 22.05 10.28 8.63
CA GLY A 661 22.15 11.65 8.18
C GLY A 661 22.81 12.55 9.19
N LEU A 662 23.08 13.79 8.78
CA LEU A 662 23.88 14.72 9.56
C LEU A 662 23.31 16.13 9.47
N GLY A 663 23.18 16.78 10.62
CA GLY A 663 22.77 18.17 10.65
C GLY A 663 21.27 18.34 10.74
N LYS A 664 20.71 19.30 9.99
CA LYS A 664 19.26 19.37 9.87
C LYS A 664 18.71 18.13 9.18
N GLY A 665 19.56 17.41 8.46
CA GLY A 665 19.20 16.18 7.78
C GLY A 665 19.19 14.92 8.63
N ARG A 666 19.42 15.02 9.93
CA ARG A 666 19.34 13.84 10.80
CA ARG A 666 19.35 13.83 10.77
C ARG A 666 17.93 13.26 10.72
N GLY A 667 17.86 11.95 10.48
CA GLY A 667 16.61 11.27 10.29
C GLY A 667 16.15 11.16 8.85
N TYR A 668 16.72 11.95 7.95
CA TYR A 668 16.32 11.99 6.55
C TYR A 668 17.21 11.13 5.66
N ASN A 669 17.80 10.08 6.23
CA ASN A 669 18.62 9.14 5.46
C ASN A 669 18.44 7.77 6.13
N VAL A 670 17.78 6.84 5.44
CA VAL A 670 17.50 5.51 5.98
C VAL A 670 18.31 4.50 5.18
N ASN A 671 19.13 3.72 5.88
CA ASN A 671 19.88 2.61 5.29
C ASN A 671 19.35 1.31 5.85
N ILE A 672 18.95 0.40 4.96
CA ILE A 672 18.51 -0.94 5.37
C ILE A 672 19.56 -1.93 4.87
N PRO A 673 20.56 -2.28 5.69
CA PRO A 673 21.67 -3.12 5.21
C PRO A 673 21.40 -4.61 5.37
N TRP A 674 21.68 -5.37 4.32
CA TRP A 674 21.48 -6.82 4.33
C TRP A 674 22.81 -7.53 4.51
N ASN A 675 22.84 -8.48 5.44
CA ASN A 675 24.01 -9.32 5.69
C ASN A 675 23.58 -10.77 5.81
N GLY A 676 24.49 -11.67 5.48
CA GLY A 676 24.34 -13.07 5.86
C GLY A 676 23.18 -13.83 5.27
N GLY A 677 23.01 -13.79 3.96
CA GLY A 677 22.09 -14.70 3.31
C GLY A 677 21.56 -14.17 2.00
N LYS A 678 20.96 -15.09 1.25
CA LYS A 678 20.18 -14.73 0.07
C LYS A 678 18.90 -14.03 0.52
N MET A 679 18.75 -12.75 0.17
CA MET A 679 17.56 -11.98 0.49
C MET A 679 16.61 -11.96 -0.71
N GLY A 680 15.32 -11.94 -0.44
CA GLY A 680 14.31 -11.92 -1.49
C GLY A 680 13.03 -11.22 -1.08
N ASP A 681 11.94 -11.59 -1.74
CA ASP A 681 10.64 -10.95 -1.49
C ASP A 681 10.29 -10.92 0.00
N PRO A 682 10.41 -12.00 0.76
CA PRO A 682 9.98 -11.95 2.17
C PRO A 682 10.64 -10.84 2.95
N GLU A 683 11.96 -10.66 2.75
CA GLU A 683 12.68 -9.64 3.52
C GLU A 683 12.39 -8.25 2.99
N TYR A 684 12.40 -8.08 1.67
CA TYR A 684 12.13 -6.76 1.09
C TYR A 684 10.71 -6.29 1.40
N MET A 685 9.75 -7.22 1.42
CA MET A 685 8.38 -6.86 1.78
C MET A 685 8.29 -6.42 3.24
N ALA A 686 8.88 -7.23 4.14
CA ALA A 686 8.86 -6.86 5.55
C ALA A 686 9.55 -5.53 5.78
N ALA A 687 10.66 -5.29 5.07
CA ALA A 687 11.31 -3.99 5.17
C ALA A 687 10.36 -2.86 4.78
N PHE A 688 9.54 -3.07 3.75
CA PHE A 688 8.60 -2.03 3.34
C PHE A 688 7.49 -1.88 4.38
N HIS A 689 6.89 -2.98 4.82
CA HIS A 689 5.83 -2.89 5.80
C HIS A 689 6.29 -2.10 7.03
N HIS A 690 7.47 -2.45 7.55
CA HIS A 690 7.90 -1.99 8.86
C HIS A 690 8.79 -0.77 8.83
N LEU A 691 9.43 -0.47 7.70
CA LEU A 691 10.37 0.65 7.66
C LEU A 691 10.07 1.63 6.53
N VAL A 692 10.14 1.19 5.27
CA VAL A 692 10.08 2.12 4.15
C VAL A 692 8.77 2.90 4.18
N MET A 693 7.64 2.20 4.29
CA MET A 693 6.36 2.87 4.12
C MET A 693 5.97 3.69 5.34
N PRO A 694 6.19 3.19 6.56
CA PRO A 694 5.96 4.07 7.74
C PRO A 694 6.75 5.36 7.68
N ILE A 695 8.05 5.29 7.37
CA ILE A 695 8.87 6.49 7.32
C ILE A 695 8.44 7.38 6.16
N ALA A 696 8.26 6.80 4.97
CA ALA A 696 7.85 7.59 3.82
C ALA A 696 6.52 8.28 4.10
N ARG A 697 5.55 7.56 4.64
CA ARG A 697 4.26 8.16 4.97
C ARG A 697 4.43 9.35 5.89
N GLU A 698 5.26 9.20 6.93
CA GLU A 698 5.42 10.27 7.92
C GLU A 698 6.15 11.47 7.32
N PHE A 699 7.13 11.21 6.45
CA PHE A 699 7.80 12.29 5.72
C PHE A 699 6.83 13.05 4.82
N ALA A 700 5.81 12.37 4.32
CA ALA A 700 4.81 12.96 3.42
C ALA A 700 5.47 13.57 2.20
N PRO A 701 6.01 12.75 1.30
CA PRO A 701 6.63 13.29 0.09
C PRO A 701 5.60 13.83 -0.89
N GLU A 702 6.03 14.81 -1.67
CA GLU A 702 5.25 15.32 -2.80
C GLU A 702 5.66 14.69 -4.13
N LEU A 703 6.76 13.94 -4.14
CA LEU A 703 7.21 13.20 -5.31
C LEU A 703 8.04 12.03 -4.82
N VAL A 704 7.84 10.86 -5.43
CA VAL A 704 8.65 9.68 -5.14
C VAL A 704 9.46 9.34 -6.38
N LEU A 705 10.77 9.23 -6.21
CA LEU A 705 11.68 8.70 -7.21
C LEU A 705 12.18 7.35 -6.72
N VAL A 706 12.33 6.39 -7.61
CA VAL A 706 12.82 5.07 -7.25
C VAL A 706 14.11 4.80 -8.02
N SER A 707 15.23 4.76 -7.31
CA SER A 707 16.47 4.18 -7.82
C SER A 707 16.22 2.69 -7.98
N ALA A 708 15.70 2.28 -9.14
CA ALA A 708 15.21 0.92 -9.36
C ALA A 708 16.33 0.05 -9.92
N GLY A 709 17.17 -0.43 -9.02
CA GLY A 709 18.16 -1.43 -9.37
C GLY A 709 17.58 -2.81 -9.23
N PHE A 710 17.44 -3.52 -10.34
CA PHE A 710 16.93 -4.88 -10.33
C PHE A 710 18.03 -5.91 -10.16
N ASP A 711 19.17 -5.52 -9.55
CA ASP A 711 20.23 -6.47 -9.26
C ASP A 711 19.98 -7.24 -7.97
N ALA A 712 18.96 -6.89 -7.19
CA ALA A 712 18.48 -7.78 -6.15
C ALA A 712 17.64 -8.91 -6.71
N ALA A 713 17.46 -8.97 -8.02
CA ALA A 713 16.56 -9.92 -8.63
C ALA A 713 17.14 -11.33 -8.61
N ARG A 714 16.23 -12.30 -8.52
CA ARG A 714 16.56 -13.71 -8.71
C ARG A 714 17.34 -13.90 -10.00
N GLY A 715 18.50 -14.55 -9.89
CA GLY A 715 19.34 -14.82 -11.03
C GLY A 715 20.24 -13.69 -11.47
N ASP A 716 20.36 -12.64 -10.68
CA ASP A 716 21.29 -11.56 -11.05
C ASP A 716 22.72 -12.03 -10.80
N PRO A 717 23.66 -11.80 -11.73
CA PRO A 717 25.02 -12.29 -11.51
C PRO A 717 25.77 -11.57 -10.40
N LEU A 718 25.44 -10.30 -10.13
CA LEU A 718 26.19 -9.50 -9.17
C LEU A 718 25.58 -9.48 -7.77
N GLY A 719 24.26 -9.40 -7.67
CA GLY A 719 23.65 -9.21 -6.36
C GLY A 719 23.67 -10.46 -5.50
N GLY A 720 23.38 -11.62 -6.09
CA GLY A 720 23.25 -12.83 -5.32
C GLY A 720 21.97 -12.94 -4.53
N PHE A 721 20.98 -12.11 -4.83
CA PHE A 721 19.70 -12.08 -4.11
C PHE A 721 18.60 -12.66 -5.00
N GLN A 722 17.43 -12.87 -4.41
CA GLN A 722 16.34 -13.59 -5.08
C GLN A 722 15.01 -12.86 -4.94
N VAL A 723 15.00 -11.56 -5.23
CA VAL A 723 13.75 -10.84 -5.41
C VAL A 723 13.15 -11.22 -6.76
N THR A 724 11.84 -11.47 -6.78
CA THR A 724 11.17 -11.91 -8.00
C THR A 724 10.46 -10.76 -8.68
N PRO A 725 10.15 -10.90 -9.97
CA PRO A 725 9.34 -9.86 -10.64
C PRO A 725 8.02 -9.62 -9.95
N GLU A 726 7.44 -10.66 -9.34
CA GLU A 726 6.21 -10.47 -8.57
C GLU A 726 6.45 -9.63 -7.33
N GLY A 727 7.58 -9.86 -6.65
CA GLY A 727 7.92 -9.02 -5.51
C GLY A 727 8.07 -7.57 -5.88
N TYR A 728 8.83 -7.30 -6.95
CA TYR A 728 8.98 -5.92 -7.40
C TYR A 728 7.64 -5.26 -7.68
N ALA A 729 6.67 -6.03 -8.20
CA ALA A 729 5.34 -5.47 -8.40
C ALA A 729 4.75 -4.96 -7.10
N HIS A 730 4.86 -5.76 -6.03
CA HIS A 730 4.26 -5.37 -4.76
C HIS A 730 5.02 -4.21 -4.13
N LEU A 731 6.34 -4.17 -4.29
CA LEU A 731 7.09 -2.99 -3.83
C LEU A 731 6.59 -1.75 -4.55
N THR A 732 6.39 -1.84 -5.87
CA THR A 732 5.84 -0.71 -6.61
C THR A 732 4.44 -0.37 -6.13
N HIS A 733 3.60 -1.38 -5.94
CA HIS A 733 2.23 -1.14 -5.51
C HIS A 733 2.19 -0.42 -4.17
N GLN A 734 3.06 -0.81 -3.23
CA GLN A 734 3.14 -0.11 -1.95
C GLN A 734 3.38 1.38 -2.15
N LEU A 735 4.40 1.73 -2.95
CA LEU A 735 4.79 3.12 -3.10
C LEU A 735 3.73 3.96 -3.81
N MET A 736 2.81 3.34 -4.56
CA MET A 736 1.86 4.09 -5.35
C MET A 736 0.83 4.84 -4.53
N SER A 737 0.72 4.55 -3.23
CA SER A 737 -0.18 5.29 -2.36
C SER A 737 0.49 6.51 -1.75
N LEU A 738 1.78 6.71 -1.99
CA LEU A 738 2.50 7.89 -1.55
C LEU A 738 2.39 9.00 -2.58
N ALA A 739 2.59 10.24 -2.11
CA ALA A 739 2.71 11.39 -2.99
C ALA A 739 1.57 11.46 -4.00
N ALA A 740 0.37 11.11 -3.55
CA ALA A 740 -0.81 11.16 -4.40
C ALA A 740 -0.58 10.44 -5.71
N GLY A 741 0.17 9.34 -5.65
CA GLY A 741 0.46 8.54 -6.83
C GLY A 741 1.60 9.04 -7.69
N ARG A 742 2.31 10.08 -7.28
CA ARG A 742 3.35 10.69 -8.11
C ARG A 742 4.66 9.92 -7.89
N VAL A 743 4.78 8.80 -8.60
CA VAL A 743 5.95 7.94 -8.54
C VAL A 743 6.63 7.94 -9.90
N LEU A 744 7.96 8.05 -9.89
CA LEU A 744 8.79 7.93 -11.08
C LEU A 744 9.83 6.86 -10.81
N ILE A 745 9.86 5.83 -11.67
CA ILE A 745 10.75 4.68 -11.50
C ILE A 745 11.88 4.81 -12.49
N ILE A 746 13.12 4.84 -11.97
CA ILE A 746 14.32 5.09 -12.76
C ILE A 746 15.24 3.88 -12.64
N LEU A 747 15.62 3.31 -13.77
CA LEU A 747 16.46 2.12 -13.77
C LEU A 747 17.86 2.45 -13.26
N GLU A 748 18.37 1.62 -12.34
CA GLU A 748 19.75 1.70 -11.89
C GLU A 748 20.47 0.42 -12.31
N GLY A 749 20.85 -0.41 -11.34
CA GLY A 749 21.51 -1.67 -11.62
C GLY A 749 20.54 -2.78 -12.01
N GLY A 750 21.04 -4.02 -11.91
CA GLY A 750 20.29 -5.16 -12.40
C GLY A 750 20.76 -5.56 -13.79
N TYR A 751 21.31 -6.77 -13.91
CA TYR A 751 22.15 -7.11 -15.05
C TYR A 751 21.79 -8.40 -15.75
N ASN A 752 20.99 -9.28 -15.13
CA ASN A 752 20.38 -10.40 -15.82
C ASN A 752 19.28 -9.88 -16.72
N LEU A 753 19.53 -9.85 -18.04
CA LEU A 753 18.61 -9.18 -18.95
C LEU A 753 17.20 -9.75 -18.87
N THR A 754 17.07 -11.04 -18.55
CA THR A 754 15.76 -11.64 -18.44
C THR A 754 15.04 -11.17 -17.19
N SER A 755 15.69 -11.27 -16.03
CA SER A 755 15.05 -10.89 -14.78
C SER A 755 14.70 -9.42 -14.72
N ILE A 756 15.53 -8.55 -15.32
CA ILE A 756 15.23 -7.13 -15.23
C ILE A 756 14.13 -6.75 -16.21
N SER A 757 14.10 -7.36 -17.40
CA SER A 757 13.01 -7.09 -18.33
C SER A 757 11.68 -7.50 -17.73
N GLU A 758 11.65 -8.61 -16.99
CA GLU A 758 10.42 -9.04 -16.35
C GLU A 758 10.08 -8.18 -15.15
N SER A 759 11.07 -7.84 -14.33
CA SER A 759 10.82 -7.07 -13.12
C SER A 759 10.30 -5.67 -13.46
N MET A 760 10.97 -4.97 -14.37
CA MET A 760 10.55 -3.60 -14.65
C MET A 760 9.22 -3.55 -15.40
N SER A 761 8.93 -4.57 -16.21
CA SER A 761 7.61 -4.63 -16.83
C SER A 761 6.53 -4.77 -15.77
N MET A 762 6.80 -5.56 -14.74
CA MET A 762 5.86 -5.71 -13.63
C MET A 762 5.67 -4.38 -12.90
N CYS A 763 6.76 -3.63 -12.70
CA CYS A 763 6.65 -2.32 -12.08
C CYS A 763 5.74 -1.41 -12.89
N THR A 764 5.93 -1.39 -14.22
CA THR A 764 5.09 -0.55 -15.06
C THR A 764 3.65 -1.04 -15.06
N SER A 765 3.46 -2.36 -15.07
CA SER A 765 2.12 -2.92 -14.97
C SER A 765 1.39 -2.39 -13.75
N MET A 766 2.10 -2.26 -12.62
CA MET A 766 1.50 -1.71 -11.42
C MET A 766 1.20 -0.23 -11.57
N LEU A 767 2.15 0.53 -12.11
CA LEU A 767 1.90 1.96 -12.34
C LEU A 767 0.65 2.16 -13.18
N LEU A 768 0.45 1.29 -14.17
CA LEU A 768 -0.73 1.36 -15.04
C LEU A 768 -2.01 0.94 -14.34
N GLY A 769 -1.92 0.33 -13.15
CA GLY A 769 -3.08 0.02 -12.36
C GLY A 769 -3.51 -1.43 -12.30
N ASP A 770 -2.74 -2.34 -12.88
CA ASP A 770 -3.13 -3.74 -12.92
C ASP A 770 -3.12 -4.36 -11.52
N SER A 771 -3.86 -5.45 -11.38
CA SER A 771 -3.97 -6.12 -10.09
C SER A 771 -2.61 -6.69 -9.67
N PRO A 772 -2.26 -6.63 -8.39
CA PRO A 772 -0.97 -7.18 -7.96
C PRO A 772 -0.92 -8.68 -8.16
N PRO A 773 0.27 -9.23 -8.39
CA PRO A 773 0.39 -10.67 -8.68
C PRO A 773 0.43 -11.51 -7.41
N SER A 774 0.44 -12.82 -7.62
CA SER A 774 0.58 -13.76 -6.52
C SER A 774 2.03 -13.79 -6.06
N LEU A 775 2.26 -14.38 -4.88
CA LEU A 775 3.58 -14.42 -4.29
C LEU A 775 3.87 -15.77 -3.64
N ASP A 776 5.16 -16.11 -3.58
CA ASP A 776 5.62 -17.21 -2.75
C ASP A 776 5.33 -16.90 -1.28
N HIS A 777 5.60 -17.89 -0.42
CA HIS A 777 5.44 -17.67 1.01
C HIS A 777 6.39 -16.56 1.46
N LEU A 778 5.84 -15.60 2.21
CA LEU A 778 6.61 -14.48 2.71
C LEU A 778 7.08 -14.67 4.15
N THR A 779 7.01 -15.90 4.65
CA THR A 779 7.60 -16.28 5.93
C THR A 779 8.10 -17.71 5.81
N PRO A 780 9.08 -18.11 6.64
CA PRO A 780 9.86 -17.30 7.58
C PRO A 780 10.89 -16.39 6.91
N LEU A 781 11.42 -15.44 7.67
CA LEU A 781 12.47 -14.54 7.22
C LEU A 781 13.83 -15.05 7.64
N LYS A 782 14.85 -14.66 6.88
CA LYS A 782 16.23 -14.91 7.32
C LYS A 782 16.51 -14.14 8.61
N THR A 783 17.22 -14.79 9.54
CA THR A 783 17.38 -14.19 10.86
C THR A 783 18.26 -12.96 10.83
N SER A 784 19.26 -12.93 9.95
CA SER A 784 20.07 -11.72 9.81
C SER A 784 19.23 -10.56 9.28
N ALA A 785 18.24 -10.86 8.43
CA ALA A 785 17.33 -9.82 7.96
C ALA A 785 16.46 -9.29 9.09
N THR A 786 15.94 -10.20 9.93
CA THR A 786 15.21 -9.78 11.12
C THR A 786 16.05 -8.83 11.97
N VAL A 787 17.30 -9.19 12.20
CA VAL A 787 18.18 -8.37 13.04
C VAL A 787 18.39 -6.99 12.43
N SER A 788 18.73 -6.94 11.14
CA SER A 788 18.99 -5.65 10.51
C SER A 788 17.74 -4.78 10.45
N ILE A 789 16.56 -5.40 10.27
CA ILE A 789 15.32 -4.62 10.29
C ILE A 789 15.16 -3.95 11.65
N ASN A 790 15.35 -4.71 12.72
CA ASN A 790 15.21 -4.13 14.06
C ASN A 790 16.30 -3.11 14.35
N ASN A 791 17.48 -3.25 13.73
CA ASN A 791 18.52 -2.24 13.90
C ASN A 791 18.05 -0.90 13.33
N VAL A 792 17.35 -0.92 12.19
CA VAL A 792 16.84 0.32 11.62
C VAL A 792 15.72 0.89 12.49
N LEU A 793 14.84 0.01 13.01
CA LEU A 793 13.81 0.48 13.93
C LEU A 793 14.43 1.26 15.08
N ARG A 794 15.40 0.65 15.77
CA ARG A 794 16.05 1.31 16.90
C ARG A 794 16.78 2.57 16.46
N ALA A 795 17.40 2.54 15.27
CA ALA A 795 18.17 3.70 14.84
C ALA A 795 17.26 4.89 14.53
N HIS A 796 16.10 4.65 13.90
CA HIS A 796 15.29 5.73 13.35
C HIS A 796 14.02 6.02 14.15
N ALA A 797 13.67 5.17 15.11
CA ALA A 797 12.52 5.48 15.96
C ALA A 797 12.57 6.83 16.65
N PRO A 798 13.73 7.34 17.08
CA PRO A 798 13.73 8.70 17.66
C PRO A 798 13.24 9.76 16.68
N PHE A 799 13.36 9.52 15.38
CA PHE A 799 12.93 10.49 14.38
C PHE A 799 11.50 10.28 13.93
N TRP A 800 11.07 9.02 13.79
CA TRP A 800 9.83 8.70 13.09
C TRP A 800 8.91 7.91 14.02
N SER A 801 7.75 8.49 14.34
CA SER A 801 6.87 7.91 15.33
C SER A 801 6.18 6.65 14.81
N SER A 802 5.90 6.60 13.50
CA SER A 802 5.23 5.43 12.92
C SER A 802 5.99 4.14 13.15
N LEU A 803 7.25 4.20 13.60
CA LEU A 803 8.06 3.02 13.84
C LEU A 803 7.90 2.45 15.24
N ARG A 804 7.22 3.14 16.14
CA ARG A 804 7.35 2.91 17.58
C ARG A 804 6.41 1.82 18.07
N VAL A 805 6.65 0.60 17.57
CA VAL A 805 6.06 -0.60 18.14
C VAL A 805 6.82 -0.94 19.41
N ASN A 806 6.12 -1.01 20.54
CA ASN A 806 6.73 -1.29 21.84
C ASN A 806 6.14 -2.57 22.40
N ILE A 807 6.74 -3.69 22.03
CA ILE A 807 6.39 -5.02 22.50
C ILE A 807 7.54 -5.47 23.40
N PRO A 808 7.27 -6.09 24.56
CA PRO A 808 8.37 -6.46 25.45
C PRO A 808 9.18 -7.64 24.91
N GLU A 809 10.43 -7.70 25.37
CA GLU A 809 11.30 -8.82 25.04
C GLU A 809 10.75 -10.14 25.59
N SER A 810 9.90 -10.08 26.60
CA SER A 810 9.38 -11.30 27.22
C SER A 810 8.66 -12.18 26.20
N LEU A 811 7.89 -11.58 25.29
CA LEU A 811 7.13 -12.39 24.35
C LEU A 811 8.04 -13.06 23.33
N ARG A 812 9.03 -12.34 22.79
CA ARG A 812 9.98 -12.98 21.90
C ARG A 812 10.63 -14.18 22.57
N LEU A 813 11.06 -14.00 23.83
CA LEU A 813 11.80 -15.03 24.55
C LEU A 813 10.91 -16.08 25.19
N SER A 814 9.58 -15.92 25.14
CA SER A 814 8.66 -16.94 25.66
C SER A 814 8.25 -17.94 24.58
N LEU A 815 8.75 -17.78 23.36
CA LEU A 815 8.54 -18.75 22.29
C LEU A 815 9.89 -19.40 22.04
N PRO B . 9.21 -22.00 21.90
CA PRO B . 9.83 -22.45 20.64
C PRO B . 10.76 -21.44 20.01
O PRO B . 11.95 -21.73 19.87
CB PRO B . 8.63 -22.73 19.73
CG PRO B . 7.48 -22.92 20.68
CD PRO B . 7.74 -22.01 21.83
HA PRO B . 10.33 -23.28 20.79
HB2 PRO B . 8.47 -21.97 19.15
HB3 PRO B . 8.78 -23.53 19.21
HG2 PRO B . 6.64 -22.69 20.24
HG3 PRO B . 7.44 -23.84 20.97
HD2 PRO B . 7.40 -21.11 21.65
HD3 PRO B . 7.36 -22.35 22.65
K K C . -21.27 0.75 13.05
K K D . -14.46 -2.61 13.27
ZN ZN E . 23.27 -1.85 -8.42
K K F . 20.02 0.55 -2.66
K K G . -11.07 -16.85 12.57
C1 GOL H . -36.59 -16.95 2.20
O1 GOL H . -35.98 -17.66 3.26
C2 GOL H . -35.49 -16.12 1.52
O2 GOL H . -34.39 -16.91 1.16
C3 GOL H . -36.15 -15.49 0.27
O3 GOL H . -37.17 -14.64 0.71
H11 GOL H . -37.30 -16.35 2.51
H12 GOL H . -37.01 -17.53 1.55
HO1 GOL H . -35.22 -17.90 3.00
H2 GOL H . -35.17 -15.43 2.13
HO2 GOL H . -33.71 -16.42 1.11
H31 GOL H . -36.47 -16.21 -0.31
H32 GOL H . -35.47 -15.03 -0.25
HO3 GOL H . -37.48 -14.25 0.03
C1 GOL I . 3.44 20.22 -7.05
O1 GOL I . 2.31 20.51 -7.82
C2 GOL I . 3.15 20.64 -5.57
O2 GOL I . 3.35 22.02 -5.41
C3 GOL I . 1.72 20.16 -5.25
O3 GOL I . 1.75 19.59 -3.95
H11 GOL I . 4.23 20.68 -7.36
H12 GOL I . 3.65 19.27 -7.06
HO1 GOL I . 2.48 20.27 -8.62
H2 GOL I . 3.76 20.22 -4.95
HO2 GOL I . 3.13 22.23 -4.61
H31 GOL I . 1.43 19.54 -5.94
H32 GOL I . 1.11 20.91 -5.32
HO3 GOL I . 0.95 19.40 -3.72
C1 GOL J . -15.70 16.48 5.05
O1 GOL J . -15.06 17.25 6.03
C2 GOL J . -16.79 15.62 5.75
O2 GOL J . -16.21 14.80 6.72
C3 GOL J . -17.83 16.61 6.30
O3 GOL J . -19.04 15.89 6.55
H11 GOL J . -15.08 15.89 4.59
H12 GOL J . -16.12 17.01 4.36
HO1 GOL J . -15.14 16.83 6.78
H2 GOL J . -17.24 15.03 5.12
HO2 GOL J . -16.74 14.79 7.40
H31 GOL J . -17.94 17.33 5.67
H32 GOL J . -17.46 17.03 7.11
HO3 GOL J . -18.83 15.07 6.61
C1 GOL K . -15.18 16.42 -9.95
O1 GOL K . -15.29 15.04 -10.16
C2 GOL K . -16.45 17.10 -10.53
O2 GOL K . -16.99 16.38 -11.60
C3 GOL K . -17.43 17.23 -9.33
O3 GOL K . -18.43 18.17 -9.70
H11 GOL K . -14.39 16.80 -10.37
H12 GOL K . -15.10 16.64 -9.01
HO1 GOL K . -16.11 14.84 -10.06
H2 GOL K . -16.24 17.98 -10.89
HO2 GOL K . -17.84 16.39 -11.52
H31 GOL K . -16.92 17.50 -8.55
H32 GOL K . -17.78 16.36 -9.12
HO3 GOL K . -19.00 17.77 -10.19
C1 GOL L . -17.82 9.26 -15.95
O1 GOL L . -17.47 9.91 -17.13
C2 GOL L . -19.22 9.73 -15.54
O2 GOL L . -19.34 11.11 -15.52
C3 GOL L . -20.17 9.08 -16.57
O3 GOL L . -21.47 9.41 -16.17
H11 GOL L . -17.20 9.44 -15.22
H12 GOL L . -17.82 8.29 -16.04
HO1 GOL L . -17.63 10.74 -17.00
H2 GOL L . -19.43 9.44 -14.64
HO2 GOL L . -20.16 11.31 -15.54
H31 GOL L . -20.00 8.12 -16.60
H32 GOL L . -19.94 9.41 -17.45
HO3 GOL L . -22.00 9.11 -16.77
C1 GOL M . -14.34 -0.31 32.34
O1 GOL M . -14.89 0.98 32.41
C2 GOL M . -15.45 -1.26 31.83
O2 GOL M . -16.04 -0.78 30.67
C3 GOL M . -14.73 -2.62 31.60
O3 GOL M . -15.20 -3.14 30.38
H11 GOL M . -14.03 -0.63 33.20
H12 GOL M . -13.57 -0.37 31.75
HO1 GOL M . -15.55 1.00 31.87
H2 GOL M . -16.17 -1.34 32.47
HO2 GOL M . -15.43 -0.46 30.17
H31 GOL M . -14.92 -3.20 32.36
H32 GOL M . -13.78 -2.48 31.63
HO3 GOL M . -14.73 -2.79 29.76
#